data_2FA2
#
_entry.id   2FA2
#
_cell.length_a   79.143
_cell.length_b   94.468
_cell.length_c   113.200
_cell.angle_alpha   90.00
_cell.angle_beta   90.00
_cell.angle_gamma   90.00
#
_symmetry.space_group_name_H-M   'P 21 21 21'
#
loop_
_entity.id
_entity.type
_entity.pdbx_description
1 polymer 'Mitogen-activated protein kinase FUS3'
2 non-polymer 'THIOCYANATE ION'
3 water water
#
_entity_poly.entity_id   1
_entity_poly.type   'polypeptide(L)'
_entity_poly.pdbx_seq_one_letter_code
;MPKRIVYNISSDFQLKSLLGEGAYGVVCSATHKPTGEIVAIKKIEPFDKPLFALRTLREIKILKHFKHENIITIFNIQRP
DSFENFNEVYIIQELMQTDLHRVISTQMLSDDHIQYFIYQTLRAVKVLHGSNVIHRDLKPSNLLINSNCDLKVCDFGLAR
IIDESAADNSEPTGQQSGMVEFVATRWYRAPEVMLTSAKYSRAMDVWSCGCILAELFLRRPIFPGRDYRHQLLLIFGIIG
TPHSDNDLRCIESPRAREYIKSLPMYPAAPLEKMFPRVNPKGIDLLQRMLVFDPAKRITAKEALEHPYLQTYHDPNDEPE
GEPIPPSFFEFDHYKEALTTKDLKKLIWNEIFS
;
_entity_poly.pdbx_strand_id   A,B
#
# COMPACT_ATOMS: atom_id res chain seq x y z
N ILE A 5 19.39 19.36 4.73
CA ILE A 5 18.50 18.38 5.41
C ILE A 5 17.88 19.02 6.66
N VAL A 6 16.82 19.81 6.44
CA VAL A 6 16.15 20.50 7.54
C VAL A 6 15.62 19.58 8.64
N TYR A 7 15.59 20.12 9.86
CA TYR A 7 15.11 19.40 11.04
C TYR A 7 14.45 20.37 12.01
N ASN A 8 13.17 20.68 11.84
CA ASN A 8 12.56 21.60 12.78
C ASN A 8 12.21 20.82 14.03
N ILE A 9 13.26 20.60 14.84
CA ILE A 9 13.17 19.88 16.12
C ILE A 9 13.85 20.71 17.21
N SER A 10 13.39 20.52 18.44
CA SER A 10 13.93 21.22 19.60
C SER A 10 15.32 21.82 19.45
N SER A 11 15.60 22.82 20.27
CA SER A 11 16.90 23.47 20.26
C SER A 11 17.91 22.52 20.91
N ASP A 12 17.53 21.95 22.05
CA ASP A 12 18.39 21.02 22.79
C ASP A 12 19.09 19.96 21.92
N PHE A 13 18.59 19.75 20.71
CA PHE A 13 19.16 18.76 19.82
C PHE A 13 20.08 19.34 18.78
N GLN A 14 21.35 18.99 18.89
CA GLN A 14 22.33 19.45 17.93
C GLN A 14 22.68 18.24 17.08
N LEU A 15 22.28 18.27 15.82
CA LEU A 15 22.56 17.18 14.90
C LEU A 15 24.08 16.97 14.79
N LYS A 16 24.46 15.79 14.31
CA LYS A 16 25.86 15.45 14.11
C LYS A 16 25.98 14.93 12.70
N SER A 17 25.90 13.62 12.53
CA SER A 17 26.01 13.06 11.19
C SER A 17 24.78 12.30 10.68
N LEU A 18 24.57 12.36 9.36
CA LEU A 18 23.47 11.69 8.68
C LEU A 18 23.89 10.23 8.55
N LEU A 19 23.15 9.33 9.19
CA LEU A 19 23.45 7.91 9.18
C LEU A 19 22.82 7.15 8.02
N GLY A 20 21.87 7.79 7.35
CA GLY A 20 21.20 7.15 6.23
C GLY A 20 19.97 7.88 5.77
N GLU A 21 19.81 7.92 4.46
CA GLU A 21 18.67 8.57 3.84
C GLU A 21 17.96 7.39 3.23
N GLY A 22 16.72 7.15 3.64
CA GLY A 22 15.97 6.02 3.11
C GLY A 22 14.78 6.44 2.26
N ALA A 23 13.92 5.48 1.95
CA ALA A 23 12.72 5.77 1.15
C ALA A 23 11.69 6.32 2.13
N TYR A 24 11.95 6.07 3.40
CA TYR A 24 11.14 6.49 4.52
C TYR A 24 11.42 7.97 4.88
N GLY A 25 12.71 8.27 4.99
CA GLY A 25 13.14 9.61 5.34
C GLY A 25 14.60 9.50 5.73
N VAL A 26 15.10 10.52 6.42
CA VAL A 26 16.50 10.50 6.83
C VAL A 26 16.69 10.25 8.32
N VAL A 27 17.77 9.58 8.67
CA VAL A 27 18.07 9.31 10.06
C VAL A 27 19.43 9.92 10.36
N CYS A 28 19.51 10.71 11.43
CA CYS A 28 20.75 11.38 11.85
C CYS A 28 21.13 11.20 13.32
N SER A 29 22.43 11.05 13.55
CA SER A 29 22.90 10.94 14.91
C SER A 29 22.96 12.37 15.45
N ALA A 30 22.25 12.62 16.55
CA ALA A 30 22.23 13.94 17.14
C ALA A 30 22.60 13.86 18.60
N THR A 31 22.87 15.02 19.19
CA THR A 31 23.24 15.04 20.60
C THR A 31 22.25 15.83 21.44
N HIS A 32 22.02 15.30 22.65
CA HIS A 32 21.12 15.90 23.61
C HIS A 32 21.92 16.90 24.42
N LYS A 33 22.02 18.13 23.91
CA LYS A 33 22.79 19.19 24.58
C LYS A 33 22.75 19.01 26.09
N PRO A 34 21.54 18.89 26.68
CA PRO A 34 21.41 18.70 28.13
C PRO A 34 22.26 17.55 28.69
N THR A 35 21.76 16.32 28.63
CA THR A 35 22.53 15.19 29.17
C THR A 35 23.74 14.79 28.33
N GLY A 36 23.84 15.34 27.13
CA GLY A 36 24.98 15.02 26.28
C GLY A 36 24.92 13.63 25.68
N GLU A 37 23.73 13.04 25.74
CA GLU A 37 23.48 11.70 25.18
C GLU A 37 23.50 11.76 23.65
N ILE A 38 23.81 10.62 23.04
CA ILE A 38 23.83 10.56 21.59
C ILE A 38 22.66 9.71 21.10
N VAL A 39 21.71 10.34 20.41
CA VAL A 39 20.55 9.62 19.92
C VAL A 39 20.49 9.60 18.40
N ALA A 40 19.50 8.87 17.89
CA ALA A 40 19.25 8.77 16.45
C ALA A 40 17.90 9.46 16.18
N ILE A 41 17.88 10.40 15.24
CA ILE A 41 16.64 11.08 14.95
C ILE A 41 16.16 10.81 13.54
N LYS A 42 14.94 10.32 13.44
CA LYS A 42 14.33 10.02 12.16
C LYS A 42 13.37 11.13 11.75
N LYS A 43 13.45 11.57 10.49
CA LYS A 43 12.58 12.59 9.96
C LYS A 43 11.77 11.78 8.98
N ILE A 44 10.45 11.82 9.08
CA ILE A 44 9.60 11.04 8.18
C ILE A 44 8.45 11.86 7.64
N GLU A 45 8.43 12.09 6.33
CA GLU A 45 7.35 12.82 5.67
C GLU A 45 6.59 11.65 5.05
N PRO A 46 5.55 11.14 5.74
CA PRO A 46 4.82 10.00 5.19
C PRO A 46 3.39 10.21 4.78
N PHE A 47 2.86 11.40 4.92
CA PHE A 47 1.47 11.55 4.62
C PHE A 47 0.92 11.48 3.22
N ASP A 48 1.77 11.56 2.22
CA ASP A 48 1.28 11.43 0.86
C ASP A 48 1.57 9.99 0.37
N LYS A 49 2.21 9.20 1.25
CA LYS A 49 2.58 7.82 0.98
C LYS A 49 1.95 6.87 1.99
N PRO A 50 0.64 6.56 1.79
CA PRO A 50 -0.19 5.68 2.64
C PRO A 50 0.53 4.49 3.21
N LEU A 51 1.22 3.76 2.36
CA LEU A 51 1.93 2.61 2.82
C LEU A 51 2.92 2.98 3.89
N PHE A 52 3.78 3.96 3.63
CA PHE A 52 4.76 4.34 4.63
C PHE A 52 4.14 4.88 5.92
N ALA A 53 2.92 5.39 5.82
CA ALA A 53 2.19 5.89 6.99
C ALA A 53 1.86 4.72 7.93
N LEU A 54 1.22 3.67 7.42
CA LEU A 54 0.89 2.52 8.25
C LEU A 54 2.14 1.90 8.82
N ARG A 55 3.16 1.75 7.98
CA ARG A 55 4.38 1.14 8.44
C ARG A 55 4.92 1.89 9.65
N THR A 56 5.03 3.19 9.50
CA THR A 56 5.51 4.03 10.55
C THR A 56 4.63 3.84 11.79
N LEU A 57 3.31 3.85 11.59
CA LEU A 57 2.37 3.68 12.71
C LEU A 57 2.64 2.39 13.48
N ARG A 58 2.69 1.27 12.74
CA ARG A 58 2.94 -0.06 13.32
C ARG A 58 4.21 0.00 14.12
N GLU A 59 5.30 0.35 13.46
CA GLU A 59 6.58 0.47 14.11
C GLU A 59 6.49 1.32 15.40
N ILE A 60 5.86 2.48 15.35
CA ILE A 60 5.76 3.31 16.53
C ILE A 60 5.00 2.64 17.66
N LYS A 61 3.91 1.96 17.35
CA LYS A 61 3.14 1.31 18.38
C LYS A 61 3.93 0.19 19.05
N ILE A 62 4.59 -0.63 18.26
CA ILE A 62 5.38 -1.72 18.81
C ILE A 62 6.60 -1.25 19.61
N LEU A 63 7.46 -0.45 18.99
CA LEU A 63 8.63 0.02 19.71
C LEU A 63 8.23 0.56 21.07
N LYS A 64 7.24 1.44 21.08
CA LYS A 64 6.78 2.05 22.31
C LYS A 64 6.24 1.12 23.38
N HIS A 65 5.64 0.02 22.98
CA HIS A 65 5.10 -0.96 23.93
C HIS A 65 6.20 -1.76 24.62
N PHE A 66 7.10 -2.34 23.86
CA PHE A 66 8.15 -3.13 24.46
C PHE A 66 9.18 -2.36 25.29
N LYS A 67 9.89 -3.09 26.14
CA LYS A 67 10.93 -2.54 27.01
C LYS A 67 11.89 -3.72 27.11
N HIS A 68 12.41 -4.16 25.97
CA HIS A 68 13.27 -5.33 25.89
C HIS A 68 14.68 -5.02 25.35
N GLU A 69 15.67 -5.74 25.85
CA GLU A 69 17.07 -5.55 25.47
C GLU A 69 17.40 -5.80 24.02
N ASN A 70 16.55 -6.58 23.35
CA ASN A 70 16.79 -6.92 21.94
C ASN A 70 15.77 -6.30 20.97
N ILE A 71 15.10 -5.25 21.40
CA ILE A 71 14.15 -4.59 20.54
C ILE A 71 14.47 -3.13 20.67
N ILE A 72 14.60 -2.43 19.55
CA ILE A 72 14.95 -1.01 19.60
C ILE A 72 14.08 -0.15 20.49
N THR A 73 14.72 0.81 21.15
CA THR A 73 14.05 1.75 22.05
C THR A 73 13.73 3.10 21.42
N ILE A 74 12.48 3.52 21.52
CA ILE A 74 12.15 4.86 21.03
C ILE A 74 12.21 5.73 22.29
N PHE A 75 12.99 6.81 22.26
CA PHE A 75 13.07 7.68 23.44
C PHE A 75 11.90 8.62 23.54
N ASN A 76 11.46 9.12 22.40
CA ASN A 76 10.35 10.05 22.38
C ASN A 76 10.10 10.47 20.95
N ILE A 77 8.87 10.86 20.68
CA ILE A 77 8.49 11.29 19.35
C ILE A 77 8.23 12.76 19.52
N GLN A 78 8.61 13.57 18.54
CA GLN A 78 8.36 14.98 18.70
C GLN A 78 6.90 15.27 18.47
N ARG A 79 6.30 16.11 19.30
CA ARG A 79 4.91 16.40 19.04
C ARG A 79 4.76 17.68 18.28
N PRO A 80 3.94 17.64 17.23
CA PRO A 80 3.67 18.78 16.37
C PRO A 80 2.77 19.70 17.18
N ASP A 81 2.27 20.76 16.57
CA ASP A 81 1.40 21.70 17.28
C ASP A 81 0.02 21.73 16.69
N SER A 82 -0.04 22.01 15.38
CA SER A 82 -1.30 22.05 14.68
C SER A 82 -1.36 20.77 13.93
N PHE A 83 -2.54 20.16 13.93
CA PHE A 83 -2.76 18.94 13.20
C PHE A 83 -2.85 19.43 11.76
N GLU A 84 -3.01 20.75 11.63
CA GLU A 84 -3.17 21.42 10.34
C GLU A 84 -1.93 21.52 9.44
N ASN A 85 -0.75 21.47 10.04
CA ASN A 85 0.47 21.54 9.23
C ASN A 85 1.40 20.38 9.55
N PHE A 86 0.84 19.37 10.21
CA PHE A 86 1.54 18.15 10.59
C PHE A 86 1.94 17.40 9.31
N ASN A 87 3.22 17.53 8.92
CA ASN A 87 3.74 16.88 7.71
C ASN A 87 5.06 16.17 7.94
N GLU A 88 5.49 16.08 9.19
CA GLU A 88 6.74 15.42 9.51
C GLU A 88 6.63 14.76 10.86
N VAL A 89 7.24 13.60 10.97
CA VAL A 89 7.25 12.86 12.21
C VAL A 89 8.73 12.75 12.51
N TYR A 90 9.10 13.10 13.74
CA TYR A 90 10.48 13.03 14.17
C TYR A 90 10.53 12.03 15.30
N ILE A 91 11.38 11.02 15.16
CA ILE A 91 11.49 10.01 16.19
C ILE A 91 12.90 9.94 16.77
N ILE A 92 12.99 10.16 18.06
CA ILE A 92 14.26 10.11 18.73
C ILE A 92 14.36 8.74 19.38
N GLN A 93 15.24 7.91 18.82
CA GLN A 93 15.45 6.57 19.34
C GLN A 93 16.92 6.32 19.65
N GLU A 94 17.22 5.17 20.22
CA GLU A 94 18.61 4.87 20.52
C GLU A 94 19.40 4.75 19.22
N LEU A 95 20.63 5.27 19.25
CA LEU A 95 21.52 5.22 18.11
C LEU A 95 22.17 3.86 18.07
N MET A 96 22.25 3.25 16.88
CA MET A 96 22.86 1.92 16.71
C MET A 96 23.96 2.01 15.66
N GLN A 97 25.16 1.55 15.98
CA GLN A 97 26.27 1.63 15.02
C GLN A 97 25.96 0.98 13.67
N THR A 98 25.74 -0.32 13.65
CA THR A 98 25.48 -0.99 12.38
C THR A 98 24.34 -2.00 12.49
N ASP A 99 24.21 -2.87 11.48
CA ASP A 99 23.19 -3.92 11.43
C ASP A 99 23.86 -5.29 11.11
N LEU A 100 23.17 -6.42 11.32
CA LEU A 100 23.79 -7.71 11.05
C LEU A 100 24.20 -7.96 9.60
N HIS A 101 23.58 -7.28 8.66
CA HIS A 101 23.98 -7.47 7.27
C HIS A 101 25.40 -6.93 7.09
N ARG A 102 25.57 -5.65 7.38
CA ARG A 102 26.87 -4.98 7.25
C ARG A 102 27.97 -5.76 7.97
N VAL A 103 27.67 -6.26 9.16
CA VAL A 103 28.69 -6.98 9.89
C VAL A 103 29.15 -8.23 9.18
N ILE A 104 28.21 -9.02 8.69
CA ILE A 104 28.54 -10.27 8.00
C ILE A 104 29.37 -9.95 6.76
N SER A 105 28.99 -8.88 6.06
CA SER A 105 29.66 -8.47 4.85
C SER A 105 31.08 -7.94 5.02
N THR A 106 31.53 -7.72 6.23
CA THR A 106 32.88 -7.20 6.43
C THR A 106 33.77 -8.00 7.39
N GLN A 107 33.18 -8.82 8.26
CA GLN A 107 33.94 -9.61 9.23
C GLN A 107 33.69 -11.09 9.12
N MET A 108 34.64 -11.87 9.60
CA MET A 108 34.43 -13.30 9.67
C MET A 108 34.05 -13.37 11.14
N LEU A 109 33.07 -14.19 11.51
CA LEU A 109 32.69 -14.23 12.90
C LEU A 109 32.99 -15.59 13.52
N SER A 110 33.46 -15.56 14.75
CA SER A 110 33.77 -16.75 15.53
C SER A 110 32.44 -17.44 15.85
N ASP A 111 32.48 -18.76 16.03
CA ASP A 111 31.24 -19.48 16.30
C ASP A 111 30.57 -18.86 17.51
N ASP A 112 31.37 -18.25 18.38
CA ASP A 112 30.78 -17.65 19.53
C ASP A 112 29.91 -16.49 19.16
N HIS A 113 30.46 -15.53 18.42
CA HIS A 113 29.67 -14.39 18.03
C HIS A 113 28.38 -14.85 17.39
N ILE A 114 28.45 -15.87 16.55
CA ILE A 114 27.25 -16.34 15.88
C ILE A 114 26.27 -16.84 16.90
N GLN A 115 26.76 -17.67 17.82
CA GLN A 115 25.91 -18.19 18.90
C GLN A 115 25.18 -17.02 19.58
N TYR A 116 25.97 -16.02 19.95
CA TYR A 116 25.45 -14.84 20.60
C TYR A 116 24.47 -14.02 19.73
N PHE A 117 24.81 -13.77 18.47
CA PHE A 117 23.90 -13.01 17.61
C PHE A 117 22.61 -13.75 17.33
N ILE A 118 22.68 -15.05 17.11
CA ILE A 118 21.43 -15.71 16.85
C ILE A 118 20.66 -15.84 18.15
N TYR A 119 21.38 -15.97 19.27
CA TYR A 119 20.75 -16.08 20.58
C TYR A 119 19.88 -14.86 20.83
N GLN A 120 20.48 -13.67 20.68
CA GLN A 120 19.76 -12.42 20.90
C GLN A 120 18.56 -12.28 19.97
N THR A 121 18.74 -12.66 18.71
CA THR A 121 17.64 -12.58 17.76
C THR A 121 16.51 -13.50 18.19
N LEU A 122 16.84 -14.66 18.74
CA LEU A 122 15.78 -15.56 19.16
C LEU A 122 15.09 -15.06 20.42
N ARG A 123 15.88 -14.47 21.31
CA ARG A 123 15.35 -13.91 22.54
C ARG A 123 14.22 -12.93 22.24
N ALA A 124 14.48 -12.03 21.30
CA ALA A 124 13.49 -11.06 20.89
C ALA A 124 12.27 -11.73 20.28
N VAL A 125 12.50 -12.70 19.41
CA VAL A 125 11.37 -13.37 18.77
C VAL A 125 10.49 -13.99 19.85
N LYS A 126 11.10 -14.53 20.89
CA LYS A 126 10.32 -15.15 21.96
C LYS A 126 9.33 -14.14 22.56
N VAL A 127 9.86 -12.98 22.92
CA VAL A 127 9.05 -11.95 23.54
C VAL A 127 8.00 -11.40 22.57
N LEU A 128 8.34 -11.33 21.30
CA LEU A 128 7.37 -10.83 20.36
C LEU A 128 6.17 -11.79 20.20
N HIS A 129 6.47 -13.07 20.01
CA HIS A 129 5.45 -14.09 19.84
C HIS A 129 4.67 -14.28 21.14
N GLY A 130 5.41 -14.30 22.25
CA GLY A 130 4.82 -14.46 23.56
C GLY A 130 3.84 -13.34 23.72
N SER A 131 4.09 -12.23 23.04
CA SER A 131 3.21 -11.07 23.09
C SER A 131 2.18 -11.09 21.98
N ASN A 132 2.19 -12.14 21.16
CA ASN A 132 1.25 -12.27 20.05
C ASN A 132 1.60 -11.43 18.85
N VAL A 133 2.83 -10.93 18.83
CA VAL A 133 3.32 -10.11 17.72
C VAL A 133 4.17 -10.96 16.79
N ILE A 134 3.91 -10.91 15.48
CA ILE A 134 4.77 -11.61 14.55
C ILE A 134 5.43 -10.55 13.67
N HIS A 135 6.76 -10.54 13.62
CA HIS A 135 7.49 -9.58 12.81
C HIS A 135 7.18 -9.64 11.33
N ARG A 136 7.22 -10.83 10.78
CA ARG A 136 6.90 -11.08 9.38
C ARG A 136 7.90 -10.61 8.36
N ASP A 137 9.03 -10.10 8.81
CA ASP A 137 10.00 -9.71 7.85
C ASP A 137 11.40 -9.61 8.41
N LEU A 138 11.80 -10.61 9.17
CA LEU A 138 13.13 -10.67 9.73
C LEU A 138 14.13 -10.94 8.64
N LYS A 139 15.21 -10.17 8.64
CA LYS A 139 16.33 -10.29 7.70
C LYS A 139 17.54 -9.66 8.39
N PRO A 140 18.77 -10.00 7.97
CA PRO A 140 19.95 -9.42 8.61
C PRO A 140 19.96 -7.92 8.81
N SER A 141 19.43 -7.16 7.86
CA SER A 141 19.41 -5.72 8.00
C SER A 141 18.41 -5.12 9.00
N ASN A 142 17.58 -5.95 9.65
CA ASN A 142 16.61 -5.47 10.66
C ASN A 142 17.29 -5.66 12.01
N LEU A 143 18.34 -6.47 12.04
CA LEU A 143 19.04 -6.73 13.27
C LEU A 143 20.16 -5.70 13.40
N LEU A 144 19.91 -4.69 14.23
CA LEU A 144 20.89 -3.66 14.44
C LEU A 144 21.83 -4.11 15.55
N ILE A 145 23.07 -3.63 15.47
CA ILE A 145 24.05 -4.01 16.45
C ILE A 145 24.84 -2.83 16.99
N ASN A 146 25.23 -2.94 18.26
CA ASN A 146 26.02 -1.92 18.92
C ASN A 146 27.46 -2.35 18.97
N SER A 147 28.35 -1.40 19.22
CA SER A 147 29.77 -1.71 19.27
C SER A 147 30.13 -2.81 20.28
N ASN A 148 29.33 -2.99 21.33
CA ASN A 148 29.64 -4.03 22.31
C ASN A 148 28.92 -5.36 22.05
N CYS A 149 28.23 -5.44 20.92
CA CYS A 149 27.50 -6.64 20.48
C CYS A 149 26.03 -6.82 20.87
N ASP A 150 25.31 -5.73 21.07
CA ASP A 150 23.92 -5.83 21.39
C ASP A 150 23.17 -5.94 20.09
N LEU A 151 22.35 -6.97 19.95
CA LEU A 151 21.56 -7.10 18.73
C LEU A 151 20.17 -6.58 19.09
N LYS A 152 19.57 -5.85 18.18
CA LYS A 152 18.24 -5.31 18.44
C LYS A 152 17.38 -5.30 17.20
N VAL A 153 16.20 -5.91 17.31
CA VAL A 153 15.27 -6.01 16.20
C VAL A 153 14.47 -4.74 16.00
N CYS A 154 14.24 -4.41 14.73
CA CYS A 154 13.44 -3.26 14.42
C CYS A 154 12.74 -3.48 13.08
N ASP A 155 12.04 -2.46 12.61
CA ASP A 155 11.33 -2.52 11.36
C ASP A 155 10.14 -3.46 11.42
N PHE A 156 9.11 -3.06 12.14
CA PHE A 156 7.90 -3.85 12.26
C PHE A 156 6.85 -3.36 11.29
N GLY A 157 7.29 -2.91 10.13
CA GLY A 157 6.34 -2.40 9.17
C GLY A 157 5.40 -3.46 8.67
N LEU A 158 5.73 -4.73 8.87
CA LEU A 158 4.86 -5.80 8.39
C LEU A 158 4.30 -6.63 9.51
N ALA A 159 4.55 -6.20 10.73
CA ALA A 159 4.09 -6.95 11.87
C ALA A 159 2.58 -7.09 11.92
N ARG A 160 2.16 -8.08 12.69
CA ARG A 160 0.75 -8.39 12.84
C ARG A 160 0.55 -8.93 14.23
N ILE A 161 -0.69 -8.86 14.71
CA ILE A 161 -1.08 -9.39 16.01
C ILE A 161 -1.94 -10.58 15.66
N ILE A 162 -1.52 -11.78 16.03
CA ILE A 162 -2.31 -12.96 15.70
C ILE A 162 -3.36 -13.35 16.75
N ASP A 163 -4.36 -14.11 16.28
CA ASP A 163 -5.52 -14.62 17.05
C ASP A 163 -6.21 -13.63 17.97
N VAL A 180 -3.18 -6.93 -2.10
CA VAL A 180 -2.01 -7.79 -1.94
C VAL A 180 -1.08 -7.35 -0.79
N GLU A 181 0.22 -7.57 -0.96
CA GLU A 181 1.26 -7.22 0.02
C GLU A 181 2.60 -7.05 -0.69
N PHE A 182 3.49 -6.26 -0.11
CA PHE A 182 4.78 -5.99 -0.73
C PHE A 182 5.89 -6.33 0.20
N VAL A 183 7.01 -6.77 -0.35
CA VAL A 183 8.18 -7.08 0.44
C VAL A 183 9.37 -6.70 -0.43
N ALA A 184 10.50 -6.40 0.18
CA ALA A 184 11.65 -6.02 -0.61
C ALA A 184 12.22 -7.28 -1.28
N THR A 185 11.96 -8.43 -0.70
CA THR A 185 12.46 -9.66 -1.28
C THR A 185 11.93 -10.79 -0.46
N ARG A 186 11.83 -11.95 -1.07
CA ARG A 186 11.32 -13.08 -0.35
C ARG A 186 12.45 -14.03 0.01
N TRP A 187 13.66 -13.49 0.11
CA TRP A 187 14.82 -14.31 0.47
C TRP A 187 14.74 -14.95 1.85
N TYR A 188 13.91 -14.43 2.76
CA TYR A 188 13.83 -15.06 4.08
C TYR A 188 12.40 -15.43 4.39
N ARG A 189 11.55 -15.44 3.36
CA ARG A 189 10.17 -15.81 3.54
C ARG A 189 10.04 -17.33 3.55
N ALA A 190 9.18 -17.86 4.41
CA ALA A 190 8.96 -19.31 4.53
C ALA A 190 8.15 -19.88 3.36
N PRO A 191 8.50 -21.09 2.89
CA PRO A 191 7.81 -21.72 1.76
C PRO A 191 6.30 -21.85 1.95
N GLU A 192 5.88 -22.24 3.15
CA GLU A 192 4.45 -22.38 3.39
C GLU A 192 3.80 -21.04 3.23
N VAL A 193 4.55 -19.96 3.44
CA VAL A 193 3.95 -18.65 3.33
C VAL A 193 3.79 -18.20 1.85
N MET A 194 4.68 -18.67 0.99
CA MET A 194 4.59 -18.32 -0.41
C MET A 194 3.59 -19.20 -1.12
N LEU A 195 3.49 -20.45 -0.68
CA LEU A 195 2.62 -21.44 -1.28
C LEU A 195 1.15 -21.43 -0.81
N THR A 196 0.86 -20.82 0.34
CA THR A 196 -0.52 -20.83 0.81
C THR A 196 -1.05 -19.51 1.39
N SER A 197 -1.99 -19.61 2.31
CA SER A 197 -2.56 -18.42 2.91
C SER A 197 -2.04 -18.23 4.34
N ALA A 198 -1.35 -19.25 4.83
CA ALA A 198 -0.79 -19.20 6.16
C ALA A 198 0.35 -18.19 6.14
N LYS A 199 0.01 -16.91 6.10
CA LYS A 199 1.02 -15.86 6.05
C LYS A 199 1.13 -15.10 7.37
N TYR A 200 0.47 -15.60 8.40
CA TYR A 200 0.54 -14.94 9.70
C TYR A 200 0.76 -15.94 10.84
N SER A 201 1.85 -16.68 10.77
CA SER A 201 2.18 -17.67 11.77
C SER A 201 3.45 -17.29 12.46
N ARG A 202 3.64 -17.78 13.69
CA ARG A 202 4.86 -17.53 14.42
C ARG A 202 5.97 -18.28 13.66
N ALA A 203 5.63 -19.45 13.14
CA ALA A 203 6.59 -20.27 12.43
C ALA A 203 7.40 -19.50 11.38
N MET A 204 6.72 -18.69 10.55
CA MET A 204 7.40 -17.97 9.49
C MET A 204 8.59 -17.13 9.98
N ASP A 205 8.52 -16.63 11.21
CA ASP A 205 9.60 -15.84 11.76
C ASP A 205 10.76 -16.74 12.10
N VAL A 206 10.46 -17.93 12.60
CA VAL A 206 11.49 -18.88 12.98
C VAL A 206 12.19 -19.40 11.76
N TRP A 207 11.52 -19.29 10.62
CA TRP A 207 12.11 -19.71 9.35
C TRP A 207 13.14 -18.67 8.95
N SER A 208 12.79 -17.39 9.08
CA SER A 208 13.72 -16.32 8.75
C SER A 208 15.01 -16.48 9.53
N CYS A 209 14.87 -16.79 10.82
CA CYS A 209 16.03 -17.00 11.66
C CYS A 209 16.89 -18.14 11.12
N GLY A 210 16.23 -19.20 10.64
CA GLY A 210 16.97 -20.31 10.04
C GLY A 210 17.89 -19.76 8.96
N CYS A 211 17.28 -18.98 8.08
CA CYS A 211 17.98 -18.31 7.00
C CYS A 211 19.11 -17.45 7.53
N ILE A 212 18.80 -16.57 8.51
CA ILE A 212 19.81 -15.69 9.10
C ILE A 212 21.00 -16.47 9.67
N LEU A 213 20.69 -17.57 10.34
CA LEU A 213 21.74 -18.40 10.90
C LEU A 213 22.57 -19.00 9.74
N ALA A 214 21.88 -19.29 8.65
CA ALA A 214 22.54 -19.84 7.47
C ALA A 214 23.51 -18.80 6.92
N GLU A 215 23.10 -17.54 6.85
CA GLU A 215 23.95 -16.48 6.31
C GLU A 215 25.15 -16.23 7.23
N LEU A 216 24.95 -16.43 8.52
CA LEU A 216 26.03 -16.23 9.47
C LEU A 216 27.12 -17.26 9.19
N PHE A 217 26.75 -18.48 8.81
CA PHE A 217 27.77 -19.48 8.53
C PHE A 217 28.35 -19.35 7.14
N LEU A 218 27.47 -19.16 6.16
CA LEU A 218 27.86 -19.05 4.76
C LEU A 218 28.31 -17.69 4.33
N ARG A 219 28.01 -16.67 5.14
CA ARG A 219 28.35 -15.28 4.83
C ARG A 219 27.73 -14.88 3.50
N ARG A 220 26.54 -15.38 3.23
CA ARG A 220 25.82 -15.05 2.01
C ARG A 220 24.42 -15.64 2.13
N PRO A 221 23.43 -15.03 1.47
CA PRO A 221 22.07 -15.57 1.57
C PRO A 221 22.05 -17.01 1.07
N ILE A 222 21.29 -17.83 1.77
CA ILE A 222 21.16 -19.24 1.44
C ILE A 222 20.15 -19.52 0.34
N PHE A 223 19.11 -18.67 0.22
CA PHE A 223 18.07 -18.84 -0.80
C PHE A 223 17.79 -17.51 -1.55
N PRO A 224 18.80 -16.94 -2.21
CA PRO A 224 18.61 -15.69 -2.94
C PRO A 224 17.90 -15.91 -4.25
N GLY A 225 16.61 -16.21 -4.18
CA GLY A 225 15.85 -16.44 -5.40
C GLY A 225 15.81 -15.16 -6.19
N ARG A 226 15.57 -15.23 -7.49
CA ARG A 226 15.55 -14.02 -8.30
C ARG A 226 14.11 -13.68 -8.63
N ASP A 227 13.21 -14.64 -8.41
CA ASP A 227 11.77 -14.45 -8.59
C ASP A 227 11.04 -15.59 -7.88
N TYR A 228 9.73 -15.42 -7.67
CA TYR A 228 8.91 -16.42 -6.98
C TYR A 228 9.32 -17.86 -7.24
N ARG A 229 9.10 -18.35 -8.46
CA ARG A 229 9.46 -19.74 -8.77
C ARG A 229 10.87 -20.12 -8.32
N HIS A 230 11.87 -19.38 -8.80
CA HIS A 230 13.26 -19.63 -8.46
C HIS A 230 13.47 -19.70 -6.92
N GLN A 231 12.65 -18.98 -6.16
CA GLN A 231 12.79 -19.02 -4.70
C GLN A 231 12.53 -20.44 -4.17
N LEU A 232 11.38 -21.01 -4.54
CA LEU A 232 10.99 -22.36 -4.11
C LEU A 232 11.98 -23.41 -4.58
N LEU A 233 12.44 -23.24 -5.81
CA LEU A 233 13.39 -24.17 -6.39
C LEU A 233 14.64 -24.17 -5.53
N LEU A 234 15.05 -22.98 -5.11
CA LEU A 234 16.23 -22.85 -4.28
C LEU A 234 15.99 -23.48 -2.91
N ILE A 235 14.81 -23.22 -2.34
CA ILE A 235 14.48 -23.76 -1.03
C ILE A 235 14.46 -25.29 -1.05
N PHE A 236 13.61 -25.88 -1.86
CA PHE A 236 13.57 -27.34 -1.92
C PHE A 236 14.91 -27.91 -2.32
N GLY A 237 15.70 -27.13 -3.05
CA GLY A 237 16.99 -27.61 -3.47
C GLY A 237 17.84 -27.97 -2.28
N ILE A 238 17.43 -27.51 -1.11
CA ILE A 238 18.18 -27.76 0.11
C ILE A 238 17.42 -28.57 1.15
N ILE A 239 16.24 -28.11 1.52
CA ILE A 239 15.51 -28.85 2.52
C ILE A 239 14.86 -30.11 1.99
N GLY A 240 14.68 -30.17 0.67
CA GLY A 240 14.06 -31.33 0.04
C GLY A 240 12.65 -31.03 -0.43
N THR A 241 12.28 -31.57 -1.57
CA THR A 241 10.93 -31.35 -2.09
C THR A 241 9.95 -32.22 -1.36
N PRO A 242 8.90 -31.62 -0.82
CA PRO A 242 7.86 -32.34 -0.08
C PRO A 242 6.97 -33.12 -1.07
N HIS A 243 6.91 -34.44 -0.92
CA HIS A 243 6.10 -35.26 -1.84
C HIS A 243 4.92 -36.02 -1.25
N SER A 244 5.20 -36.91 -0.30
CA SER A 244 4.17 -37.72 0.33
C SER A 244 3.09 -36.89 0.99
N ASP A 245 2.09 -37.58 1.50
CA ASP A 245 0.98 -36.94 2.18
C ASP A 245 1.45 -36.33 3.51
N ASN A 246 2.44 -36.96 4.13
CA ASN A 246 2.99 -36.49 5.42
C ASN A 246 3.85 -35.22 5.33
N ASP A 247 4.42 -34.94 4.15
CA ASP A 247 5.23 -33.73 3.94
C ASP A 247 4.27 -32.55 3.74
N LEU A 248 3.32 -32.74 2.81
CA LEU A 248 2.31 -31.74 2.47
C LEU A 248 1.13 -31.80 3.43
N ARG A 249 1.35 -32.45 4.57
CA ARG A 249 0.33 -32.60 5.62
C ARG A 249 0.23 -31.32 6.45
N CYS A 250 0.50 -30.21 5.76
CA CYS A 250 0.47 -28.86 6.33
C CYS A 250 0.14 -27.92 5.16
N ILE A 251 -0.05 -28.53 3.99
CA ILE A 251 -0.40 -27.83 2.77
C ILE A 251 -1.73 -28.40 2.28
N GLU A 252 -2.80 -27.95 2.92
CA GLU A 252 -4.14 -28.39 2.56
C GLU A 252 -4.52 -27.82 1.20
N SER A 253 -3.67 -26.96 0.65
CA SER A 253 -3.95 -26.34 -0.64
C SER A 253 -3.76 -27.30 -1.79
N PRO A 254 -4.79 -27.41 -2.64
CA PRO A 254 -4.81 -28.29 -3.83
C PRO A 254 -3.88 -27.67 -4.88
N ARG A 255 -3.93 -26.34 -4.95
CA ARG A 255 -3.09 -25.59 -5.88
C ARG A 255 -1.62 -25.68 -5.47
N ALA A 256 -1.34 -25.38 -4.20
CA ALA A 256 0.01 -25.45 -3.67
C ALA A 256 0.57 -26.85 -3.88
N ARG A 257 -0.24 -27.88 -3.60
CA ARG A 257 0.23 -29.25 -3.78
C ARG A 257 0.46 -29.56 -5.26
N GLU A 258 -0.29 -28.90 -6.13
CA GLU A 258 -0.10 -29.10 -7.57
C GLU A 258 1.25 -28.47 -7.88
N TYR A 259 1.32 -27.15 -7.70
CA TYR A 259 2.54 -26.37 -7.94
C TYR A 259 3.81 -27.04 -7.41
N ILE A 260 3.71 -27.77 -6.29
CA ILE A 260 4.91 -28.42 -5.78
C ILE A 260 5.32 -29.54 -6.72
N LYS A 261 4.33 -30.21 -7.28
CA LYS A 261 4.63 -31.31 -8.18
C LYS A 261 5.09 -30.78 -9.52
N SER A 262 5.09 -29.47 -9.68
CA SER A 262 5.56 -28.89 -10.94
C SER A 262 7.05 -28.56 -10.79
N LEU A 263 7.60 -28.85 -9.60
CA LEU A 263 9.01 -28.63 -9.31
C LEU A 263 9.72 -30.00 -9.18
N PRO A 264 11.01 -30.05 -9.51
CA PRO A 264 11.73 -31.32 -9.40
C PRO A 264 11.63 -31.85 -8.00
N MET A 265 11.91 -33.13 -7.80
CA MET A 265 11.85 -33.66 -6.46
C MET A 265 13.24 -34.00 -5.94
N TYR A 266 13.78 -33.13 -5.09
CA TYR A 266 15.11 -33.35 -4.53
C TYR A 266 15.07 -33.94 -3.14
N PRO A 267 16.20 -34.48 -2.69
CA PRO A 267 16.36 -35.06 -1.36
C PRO A 267 16.95 -33.92 -0.54
N ALA A 268 16.74 -33.90 0.77
CA ALA A 268 17.35 -32.83 1.56
C ALA A 268 18.86 -33.04 1.46
N ALA A 269 19.62 -31.96 1.33
CA ALA A 269 21.08 -32.09 1.22
C ALA A 269 21.79 -32.20 2.57
N PRO A 270 22.90 -32.95 2.61
CA PRO A 270 23.64 -33.13 3.86
C PRO A 270 24.42 -31.89 4.30
N LEU A 271 23.71 -30.96 4.95
CA LEU A 271 24.34 -29.74 5.40
C LEU A 271 25.59 -30.01 6.19
N GLU A 272 25.55 -31.07 6.99
CA GLU A 272 26.70 -31.45 7.80
C GLU A 272 27.89 -31.83 6.93
N LYS A 273 27.68 -32.71 5.96
CA LYS A 273 28.76 -33.13 5.09
C LYS A 273 29.33 -32.00 4.25
N MET A 274 28.49 -31.10 3.74
CA MET A 274 29.01 -30.04 2.91
C MET A 274 29.68 -28.88 3.64
N PHE A 275 29.30 -28.66 4.89
CA PHE A 275 29.90 -27.57 5.67
C PHE A 275 30.49 -28.13 6.93
N PRO A 276 31.54 -28.94 6.80
CA PRO A 276 32.23 -29.58 7.93
C PRO A 276 33.08 -28.70 8.83
N ARG A 277 33.27 -27.43 8.50
CA ARG A 277 34.06 -26.59 9.41
C ARG A 277 33.11 -25.76 10.29
N VAL A 278 31.83 -26.11 10.22
CA VAL A 278 30.82 -25.42 10.99
C VAL A 278 30.39 -26.32 12.17
N ASN A 279 30.25 -25.67 13.34
CA ASN A 279 29.83 -26.34 14.56
C ASN A 279 28.64 -27.24 14.24
N PRO A 280 28.79 -28.56 14.51
CA PRO A 280 27.73 -29.54 14.25
C PRO A 280 26.41 -29.18 14.93
N LYS A 281 26.49 -28.50 16.06
CA LYS A 281 25.27 -28.14 16.75
C LYS A 281 24.55 -27.01 16.03
N GLY A 282 25.29 -26.07 15.47
CA GLY A 282 24.65 -25.00 14.73
C GLY A 282 23.85 -25.70 13.64
N ILE A 283 24.52 -26.53 12.88
CA ILE A 283 23.87 -27.26 11.80
C ILE A 283 22.56 -27.90 12.26
N ASP A 284 22.57 -28.50 13.44
CA ASP A 284 21.34 -29.12 13.94
C ASP A 284 20.26 -28.05 14.08
N LEU A 285 20.53 -27.06 14.93
CA LEU A 285 19.58 -26.00 15.16
C LEU A 285 19.12 -25.40 13.83
N LEU A 286 20.04 -25.28 12.87
CA LEU A 286 19.69 -24.75 11.57
C LEU A 286 18.67 -25.67 10.90
N GLN A 287 18.94 -26.97 10.91
CA GLN A 287 18.03 -27.90 10.30
C GLN A 287 16.65 -27.92 10.98
N ARG A 288 16.60 -27.65 12.28
CA ARG A 288 15.32 -27.68 12.97
C ARG A 288 14.47 -26.44 12.70
N MET A 289 15.10 -25.44 12.10
CA MET A 289 14.39 -24.21 11.75
C MET A 289 13.97 -24.29 10.26
N LEU A 290 14.91 -24.67 9.39
CA LEU A 290 14.64 -24.81 7.97
C LEU A 290 13.91 -26.13 7.67
N VAL A 291 12.66 -26.20 8.11
CA VAL A 291 11.87 -27.40 7.89
C VAL A 291 10.60 -26.94 7.21
N PHE A 292 10.24 -27.60 6.13
CA PHE A 292 9.06 -27.23 5.39
C PHE A 292 7.79 -27.15 6.21
N ASP A 293 7.50 -28.19 6.98
CA ASP A 293 6.27 -28.23 7.76
C ASP A 293 6.32 -27.20 8.86
N PRO A 294 5.48 -26.17 8.77
CA PRO A 294 5.50 -25.15 9.82
C PRO A 294 5.22 -25.72 11.20
N ALA A 295 4.46 -26.81 11.26
CA ALA A 295 4.13 -27.41 12.57
C ALA A 295 5.23 -28.24 13.25
N LYS A 296 6.26 -28.64 12.50
CA LYS A 296 7.37 -29.41 13.08
C LYS A 296 8.53 -28.44 13.28
N ARG A 297 8.32 -27.20 12.85
CA ARG A 297 9.36 -26.19 12.93
C ARG A 297 9.59 -25.76 14.36
N ILE A 298 10.85 -25.80 14.76
CA ILE A 298 11.18 -25.42 16.11
C ILE A 298 10.61 -24.04 16.46
N THR A 299 10.28 -23.85 17.74
CA THR A 299 9.71 -22.57 18.19
C THR A 299 10.84 -21.78 18.81
N ALA A 300 10.69 -20.47 18.88
CA ALA A 300 11.78 -19.65 19.44
C ALA A 300 12.18 -20.17 20.83
N LYS A 301 11.19 -20.46 21.67
CA LYS A 301 11.49 -20.96 23.00
C LYS A 301 12.33 -22.24 22.95
N GLU A 302 11.84 -23.24 22.24
CA GLU A 302 12.57 -24.49 22.16
C GLU A 302 13.92 -24.22 21.53
N ALA A 303 14.03 -23.12 20.79
CA ALA A 303 15.28 -22.82 20.11
C ALA A 303 16.33 -22.29 21.07
N LEU A 304 15.92 -21.46 22.02
CA LEU A 304 16.83 -20.88 22.99
C LEU A 304 17.40 -21.99 23.86
N GLU A 305 16.58 -23.01 24.07
CA GLU A 305 16.95 -24.17 24.87
C GLU A 305 17.93 -25.11 24.15
N HIS A 306 17.90 -25.14 22.83
CA HIS A 306 18.78 -26.01 22.04
C HIS A 306 20.24 -25.95 22.51
N PRO A 307 20.95 -27.11 22.43
CA PRO A 307 22.35 -27.32 22.80
C PRO A 307 23.25 -26.17 22.33
N TYR A 308 23.38 -26.04 21.01
CA TYR A 308 24.19 -25.00 20.36
C TYR A 308 24.22 -23.64 21.04
N LEU A 309 23.26 -23.37 21.91
CA LEU A 309 23.20 -22.09 22.57
C LEU A 309 23.26 -22.15 24.09
N GLN A 310 23.52 -23.33 24.63
CA GLN A 310 23.55 -23.49 26.07
C GLN A 310 24.41 -22.45 26.77
N THR A 311 25.52 -22.06 26.16
CA THR A 311 26.37 -21.03 26.77
C THR A 311 25.54 -19.86 27.28
N TYR A 312 24.69 -19.31 26.41
CA TYR A 312 23.86 -18.15 26.72
C TYR A 312 22.47 -18.43 27.25
N HIS A 313 21.96 -19.65 27.09
CA HIS A 313 20.63 -19.89 27.60
C HIS A 313 20.49 -19.76 29.11
N ASP A 314 19.46 -19.04 29.52
CA ASP A 314 19.10 -18.83 30.93
C ASP A 314 17.62 -18.51 30.93
N PRO A 315 16.76 -19.54 31.08
CA PRO A 315 15.30 -19.44 31.09
C PRO A 315 14.66 -18.49 32.11
N ASN A 316 15.46 -17.95 33.01
CA ASN A 316 14.93 -17.02 34.00
C ASN A 316 15.24 -15.63 33.52
N ASP A 317 15.55 -15.53 32.24
CA ASP A 317 15.89 -14.24 31.65
C ASP A 317 15.63 -14.23 30.14
N GLU A 318 14.54 -14.90 29.77
CA GLU A 318 14.07 -14.98 28.38
C GLU A 318 12.60 -14.65 28.51
N PRO A 319 12.29 -13.36 28.78
CA PRO A 319 10.97 -12.77 28.96
C PRO A 319 9.95 -13.40 28.06
N GLU A 320 8.84 -13.82 28.64
CA GLU A 320 7.76 -14.47 27.92
C GLU A 320 6.81 -13.47 27.26
N GLY A 321 6.94 -12.17 27.52
CA GLY A 321 6.05 -11.20 26.92
C GLY A 321 4.70 -11.07 27.62
N GLU A 322 3.89 -10.10 27.20
CA GLU A 322 2.55 -9.84 27.74
C GLU A 322 1.70 -9.74 26.49
N PRO A 323 0.57 -10.46 26.43
CA PRO A 323 -0.28 -10.42 25.23
C PRO A 323 -0.78 -9.05 24.83
N ILE A 324 -0.90 -8.83 23.53
CA ILE A 324 -1.41 -7.59 23.01
C ILE A 324 -2.64 -7.94 22.18
N PRO A 325 -3.80 -7.36 22.48
CA PRO A 325 -5.02 -7.67 21.72
C PRO A 325 -4.95 -7.23 20.26
N PRO A 326 -5.79 -7.82 19.40
CA PRO A 326 -5.80 -7.50 17.98
C PRO A 326 -6.10 -6.03 17.73
N SER A 327 -6.91 -5.47 18.63
CA SER A 327 -7.35 -4.07 18.56
C SER A 327 -6.18 -3.11 18.61
N PHE A 328 -5.01 -3.62 19.02
CA PHE A 328 -3.78 -2.83 19.03
C PHE A 328 -3.66 -2.27 17.59
N PHE A 329 -3.80 -3.14 16.57
CA PHE A 329 -3.78 -2.73 15.16
C PHE A 329 -5.19 -2.97 14.61
N GLU A 330 -6.19 -2.32 15.23
CA GLU A 330 -7.58 -2.51 14.81
C GLU A 330 -7.70 -2.39 13.30
N PHE A 331 -6.98 -1.44 12.70
CA PHE A 331 -7.10 -1.29 11.26
C PHE A 331 -6.94 -2.57 10.45
N ASP A 332 -6.14 -3.51 10.93
CA ASP A 332 -5.99 -4.76 10.20
C ASP A 332 -7.29 -5.55 10.17
N HIS A 333 -8.32 -5.08 10.86
CA HIS A 333 -9.55 -5.87 10.92
C HIS A 333 -10.80 -5.34 10.24
N TYR A 334 -10.71 -4.18 9.62
CA TYR A 334 -11.86 -3.62 8.92
C TYR A 334 -11.52 -3.47 7.45
N LYS A 335 -12.55 -3.49 6.60
CA LYS A 335 -12.34 -3.35 5.17
C LYS A 335 -12.36 -1.86 4.83
N GLU A 336 -13.21 -1.10 5.52
CA GLU A 336 -13.32 0.34 5.31
C GLU A 336 -12.01 0.97 4.81
N ALA A 337 -12.07 1.66 3.67
CA ALA A 337 -10.89 2.31 3.11
C ALA A 337 -10.34 3.36 4.08
N LEU A 338 -9.02 3.44 4.21
CA LEU A 338 -8.43 4.43 5.10
C LEU A 338 -8.12 5.65 4.26
N THR A 339 -8.42 6.82 4.81
CA THR A 339 -8.18 8.07 4.10
C THR A 339 -6.88 8.65 4.58
N THR A 340 -6.44 9.72 3.95
CA THR A 340 -5.21 10.34 4.36
C THR A 340 -5.35 10.86 5.78
N LYS A 341 -6.40 11.66 5.98
CA LYS A 341 -6.67 12.26 7.28
C LYS A 341 -6.69 11.17 8.34
N ASP A 342 -7.39 10.07 8.04
CA ASP A 342 -7.47 8.95 8.97
C ASP A 342 -6.07 8.54 9.42
N LEU A 343 -5.19 8.33 8.45
CA LEU A 343 -3.83 7.92 8.76
C LEU A 343 -3.12 8.99 9.57
N LYS A 344 -3.29 10.24 9.20
CA LYS A 344 -2.62 11.28 9.96
C LYS A 344 -3.14 11.36 11.41
N LYS A 345 -4.41 11.04 11.61
CA LYS A 345 -4.97 11.09 12.95
C LYS A 345 -4.51 9.89 13.79
N LEU A 346 -4.39 8.73 13.17
CA LEU A 346 -3.95 7.54 13.88
C LEU A 346 -2.53 7.78 14.39
N ILE A 347 -1.70 8.41 13.56
CA ILE A 347 -0.34 8.65 14.00
C ILE A 347 -0.38 9.75 15.04
N TRP A 348 -1.13 10.82 14.74
CA TRP A 348 -1.30 11.93 15.66
C TRP A 348 -1.69 11.42 17.02
N ASN A 349 -2.81 10.71 17.10
CA ASN A 349 -3.28 10.15 18.37
C ASN A 349 -2.13 9.39 19.02
N GLU A 350 -1.53 8.48 18.28
CA GLU A 350 -0.40 7.74 18.79
C GLU A 350 0.62 8.65 19.49
N ILE A 351 0.88 9.81 18.91
CA ILE A 351 1.82 10.78 19.46
C ILE A 351 1.31 11.48 20.72
N PHE A 352 0.00 11.68 20.84
CA PHE A 352 -0.47 12.39 22.01
C PHE A 352 -1.05 11.53 23.12
N SER A 353 -0.32 10.47 23.45
CA SER A 353 -0.66 9.50 24.50
C SER A 353 -0.50 8.08 23.98
N VAL B 6 16.23 17.23 -13.81
CA VAL B 6 16.75 16.46 -14.98
C VAL B 6 15.64 15.64 -15.62
N TYR B 7 15.73 15.44 -16.93
CA TYR B 7 14.73 14.70 -17.67
C TYR B 7 15.42 13.88 -18.74
N ASN B 8 16.05 12.77 -18.35
CA ASN B 8 16.74 11.92 -19.31
C ASN B 8 15.78 11.43 -20.40
N ILE B 9 15.68 12.15 -21.51
CA ILE B 9 14.78 11.74 -22.58
C ILE B 9 15.30 12.16 -23.93
N SER B 10 14.75 11.55 -24.98
CA SER B 10 15.12 11.84 -26.35
C SER B 10 15.28 13.33 -26.55
N SER B 11 16.39 13.75 -27.17
CA SER B 11 16.61 15.17 -27.40
C SER B 11 15.63 15.75 -28.44
N ASP B 12 14.70 14.93 -28.92
CA ASP B 12 13.68 15.37 -29.88
C ASP B 12 12.67 16.29 -29.19
N PHE B 13 12.81 16.43 -27.88
CA PHE B 13 11.92 17.26 -27.08
C PHE B 13 12.61 18.50 -26.51
N GLN B 14 11.80 19.55 -26.35
CA GLN B 14 12.28 20.81 -25.80
C GLN B 14 11.42 21.08 -24.56
N LEU B 15 12.05 21.05 -23.39
CA LEU B 15 11.32 21.28 -22.14
C LEU B 15 10.91 22.73 -22.01
N LYS B 16 9.61 22.98 -21.92
CA LYS B 16 9.13 24.34 -21.76
C LYS B 16 9.18 24.70 -20.27
N SER B 17 8.18 24.25 -19.52
CA SER B 17 8.11 24.56 -18.09
C SER B 17 7.59 23.46 -17.14
N LEU B 18 7.92 23.60 -15.86
CA LEU B 18 7.47 22.67 -14.83
C LEU B 18 6.03 22.98 -14.49
N LEU B 19 5.18 21.96 -14.51
CA LEU B 19 3.76 22.11 -14.22
C LEU B 19 3.38 21.63 -12.83
N GLY B 20 4.28 20.88 -12.17
CA GLY B 20 3.96 20.37 -10.84
C GLY B 20 4.84 19.24 -10.36
N GLU B 21 4.78 18.96 -9.06
CA GLU B 21 5.58 17.90 -8.45
C GLU B 21 4.76 16.98 -7.55
N GLY B 22 5.44 16.41 -6.55
CA GLY B 22 4.75 15.52 -5.63
C GLY B 22 5.58 14.34 -5.18
N ALA B 23 4.89 13.24 -4.86
CA ALA B 23 5.55 12.01 -4.42
C ALA B 23 5.98 11.26 -5.66
N TYR B 24 5.04 11.11 -6.58
CA TYR B 24 5.27 10.41 -7.85
C TYR B 24 6.50 10.96 -8.57
N GLY B 25 6.62 12.28 -8.55
CA GLY B 25 7.71 12.96 -9.21
C GLY B 25 7.19 14.06 -10.13
N VAL B 26 8.11 14.85 -10.67
CA VAL B 26 7.76 15.97 -11.55
C VAL B 26 7.01 15.62 -12.83
N VAL B 27 6.33 16.62 -13.37
CA VAL B 27 5.57 16.51 -14.60
C VAL B 27 5.70 17.87 -15.24
N CYS B 28 6.04 17.93 -16.53
CA CYS B 28 6.16 19.22 -17.20
C CYS B 28 5.94 19.24 -18.72
N SER B 29 5.58 20.41 -19.21
CA SER B 29 5.31 20.66 -20.62
C SER B 29 6.57 20.62 -21.48
N ALA B 30 6.39 20.22 -22.73
CA ALA B 30 7.50 20.15 -23.65
C ALA B 30 7.02 20.18 -25.09
N THR B 31 7.88 20.68 -25.97
CA THR B 31 7.51 20.75 -27.36
C THR B 31 8.11 19.59 -28.11
N HIS B 32 7.30 19.02 -28.98
CA HIS B 32 7.75 17.93 -29.81
C HIS B 32 8.26 18.60 -31.09
N LYS B 33 9.52 19.02 -31.07
CA LYS B 33 10.16 19.69 -32.20
C LYS B 33 9.59 19.24 -33.55
N PRO B 34 9.54 17.93 -33.81
CA PRO B 34 9.00 17.39 -35.06
C PRO B 34 7.59 17.78 -35.50
N THR B 35 6.68 18.07 -34.57
CA THR B 35 5.33 18.46 -34.98
C THR B 35 4.91 19.74 -34.31
N GLY B 36 5.82 20.30 -33.54
CA GLY B 36 5.53 21.53 -32.84
C GLY B 36 4.33 21.40 -31.93
N GLU B 37 3.92 20.17 -31.64
CA GLU B 37 2.79 19.93 -30.76
C GLU B 37 3.33 19.92 -29.33
N ILE B 38 2.65 20.64 -28.44
CA ILE B 38 3.12 20.69 -27.06
C ILE B 38 2.57 19.55 -26.23
N VAL B 39 3.43 18.98 -25.40
CA VAL B 39 3.03 17.83 -24.59
C VAL B 39 3.49 17.89 -23.14
N ALA B 40 2.97 16.95 -22.35
CA ALA B 40 3.34 16.86 -20.95
C ALA B 40 4.15 15.58 -20.78
N ILE B 41 5.20 15.66 -19.99
CA ILE B 41 6.02 14.51 -19.76
C ILE B 41 6.15 14.29 -18.27
N LYS B 42 5.54 13.21 -17.78
CA LYS B 42 5.62 12.86 -16.35
C LYS B 42 6.92 12.10 -16.11
N LYS B 43 7.55 12.34 -14.97
CA LYS B 43 8.79 11.65 -14.58
C LYS B 43 8.58 10.97 -13.22
N ILE B 44 8.00 9.78 -13.26
CA ILE B 44 7.70 8.98 -12.08
C ILE B 44 8.93 8.17 -11.66
N GLU B 45 9.15 8.04 -10.37
CA GLU B 45 10.27 7.23 -9.84
C GLU B 45 9.55 6.41 -8.76
N PRO B 46 8.79 5.41 -9.21
CA PRO B 46 7.98 4.51 -8.40
C PRO B 46 8.56 3.24 -7.85
N PHE B 47 9.81 2.92 -8.11
CA PHE B 47 10.24 1.62 -7.62
C PHE B 47 10.67 1.43 -6.20
N ASP B 48 10.58 2.48 -5.41
CA ASP B 48 10.90 2.44 -3.99
C ASP B 48 9.59 2.70 -3.24
N LYS B 49 8.52 2.88 -4.02
CA LYS B 49 7.15 3.10 -3.53
C LYS B 49 6.21 2.04 -4.16
N PRO B 50 6.18 0.83 -3.58
CA PRO B 50 5.35 -0.27 -4.06
C PRO B 50 3.97 0.14 -4.55
N LEU B 51 3.24 0.82 -3.68
CA LEU B 51 1.89 1.21 -3.98
C LEU B 51 1.78 2.15 -5.13
N PHE B 52 2.82 2.95 -5.37
CA PHE B 52 2.77 3.87 -6.48
C PHE B 52 3.08 3.14 -7.80
N ALA B 53 4.02 2.20 -7.75
CA ALA B 53 4.38 1.43 -8.94
C ALA B 53 3.13 0.71 -9.42
N LEU B 54 2.41 0.10 -8.48
CA LEU B 54 1.20 -0.62 -8.85
C LEU B 54 0.14 0.35 -9.37
N ARG B 55 0.15 1.59 -8.92
CA ARG B 55 -0.85 2.54 -9.42
C ARG B 55 -0.50 2.94 -10.82
N THR B 56 0.79 3.16 -11.02
CA THR B 56 1.35 3.51 -12.31
C THR B 56 1.03 2.38 -13.31
N LEU B 57 1.21 1.14 -12.91
CA LEU B 57 0.94 0.03 -13.81
C LEU B 57 -0.49 0.08 -14.35
N ARG B 58 -1.45 0.43 -13.49
CA ARG B 58 -2.85 0.50 -13.89
C ARG B 58 -3.11 1.63 -14.85
N GLU B 59 -2.56 2.79 -14.52
CA GLU B 59 -2.71 3.98 -15.34
C GLU B 59 -2.23 3.66 -16.77
N ILE B 60 -1.00 3.18 -16.89
CA ILE B 60 -0.44 2.83 -18.19
C ILE B 60 -1.26 1.81 -18.98
N LYS B 61 -1.81 0.81 -18.33
CA LYS B 61 -2.59 -0.17 -19.07
C LYS B 61 -3.98 0.35 -19.47
N ILE B 62 -4.62 1.09 -18.58
CA ILE B 62 -5.93 1.61 -18.93
C ILE B 62 -5.84 2.69 -19.98
N LEU B 63 -4.91 3.62 -19.81
CA LEU B 63 -4.81 4.66 -20.82
C LEU B 63 -4.39 4.12 -22.19
N LYS B 64 -3.26 3.44 -22.31
CA LYS B 64 -2.83 2.90 -23.61
C LYS B 64 -3.94 2.15 -24.34
N HIS B 65 -4.81 1.51 -23.59
CA HIS B 65 -5.90 0.75 -24.20
C HIS B 65 -7.02 1.58 -24.83
N PHE B 66 -7.58 2.51 -24.09
CA PHE B 66 -8.66 3.35 -24.60
C PHE B 66 -8.20 4.36 -25.63
N LYS B 67 -9.17 4.81 -26.42
CA LYS B 67 -8.98 5.81 -27.46
C LYS B 67 -10.35 6.48 -27.47
N HIS B 68 -10.60 7.26 -26.43
CA HIS B 68 -11.86 7.98 -26.25
C HIS B 68 -11.44 9.42 -26.01
N GLU B 69 -12.30 10.37 -26.37
CA GLU B 69 -11.97 11.79 -26.21
C GLU B 69 -12.08 12.25 -24.77
N ASN B 70 -12.69 11.42 -23.94
CA ASN B 70 -12.87 11.78 -22.55
C ASN B 70 -12.02 11.00 -21.54
N ILE B 71 -10.98 10.33 -22.04
CA ILE B 71 -10.05 9.58 -21.21
C ILE B 71 -8.69 10.07 -21.67
N ILE B 72 -7.83 10.47 -20.75
CA ILE B 72 -6.54 11.00 -21.15
C ILE B 72 -5.79 10.09 -22.11
N THR B 73 -5.16 10.71 -23.08
CA THR B 73 -4.42 9.98 -24.09
C THR B 73 -2.93 10.08 -23.82
N ILE B 74 -2.29 8.91 -23.81
CA ILE B 74 -0.86 8.81 -23.61
C ILE B 74 -0.30 8.50 -24.99
N PHE B 75 0.62 9.33 -25.46
CA PHE B 75 1.18 9.17 -26.79
C PHE B 75 2.26 8.10 -26.87
N ASN B 76 3.22 8.16 -25.95
CA ASN B 76 4.29 7.19 -25.93
C ASN B 76 4.78 7.02 -24.48
N ILE B 77 5.73 6.12 -24.30
CA ILE B 77 6.34 5.91 -23.00
C ILE B 77 7.79 5.67 -23.37
N GLN B 78 8.71 6.27 -22.65
CA GLN B 78 10.11 6.05 -22.98
C GLN B 78 10.51 4.59 -22.85
N ARG B 79 11.38 4.16 -23.76
CA ARG B 79 11.91 2.80 -23.77
C ARG B 79 13.19 2.78 -22.96
N PRO B 80 13.20 2.14 -21.79
CA PRO B 80 14.47 2.12 -21.03
C PRO B 80 15.36 1.18 -21.80
N ASP B 81 16.66 1.40 -21.86
CA ASP B 81 17.45 0.44 -22.60
C ASP B 81 18.18 -0.57 -21.72
N SER B 82 17.74 -0.70 -20.47
CA SER B 82 18.33 -1.64 -19.53
C SER B 82 17.46 -1.83 -18.30
N PHE B 83 17.34 -3.07 -17.84
CA PHE B 83 16.54 -3.36 -16.65
C PHE B 83 17.34 -2.96 -15.42
N GLU B 84 18.61 -3.34 -15.40
CA GLU B 84 19.46 -3.00 -14.27
C GLU B 84 19.32 -1.53 -13.88
N ASN B 85 19.38 -0.63 -14.85
CA ASN B 85 19.29 0.79 -14.52
C ASN B 85 17.94 1.40 -14.78
N PHE B 86 16.89 0.63 -14.58
CA PHE B 86 15.53 1.13 -14.79
C PHE B 86 15.04 1.74 -13.46
N ASN B 87 15.05 3.07 -13.39
CA ASN B 87 14.66 3.80 -12.18
C ASN B 87 13.64 4.88 -12.37
N GLU B 88 13.36 5.21 -13.61
CA GLU B 88 12.38 6.22 -13.91
C GLU B 88 11.47 5.68 -14.97
N VAL B 89 10.45 6.45 -15.30
CA VAL B 89 9.48 6.10 -16.32
C VAL B 89 9.06 7.45 -16.87
N TYR B 90 9.19 7.61 -18.16
CA TYR B 90 8.82 8.86 -18.79
C TYR B 90 7.57 8.62 -19.61
N ILE B 91 6.48 9.21 -19.16
CA ILE B 91 5.23 9.09 -19.88
C ILE B 91 5.05 10.42 -20.60
N ILE B 92 4.70 10.34 -21.88
CA ILE B 92 4.47 11.50 -22.72
C ILE B 92 2.98 11.44 -23.03
N GLN B 93 2.23 12.35 -22.46
CA GLN B 93 0.78 12.38 -22.65
C GLN B 93 0.32 13.75 -23.10
N GLU B 94 -0.96 13.83 -23.50
CA GLU B 94 -1.59 15.05 -24.00
C GLU B 94 -1.88 16.15 -22.98
N LEU B 95 -1.03 17.18 -22.97
CA LEU B 95 -1.13 18.34 -22.07
C LEU B 95 -2.52 18.85 -21.73
N MET B 96 -2.72 19.15 -20.45
CA MET B 96 -3.98 19.63 -19.96
C MET B 96 -3.73 20.84 -19.07
N GLN B 97 -4.48 21.91 -19.33
CA GLN B 97 -4.32 23.15 -18.59
C GLN B 97 -4.67 23.06 -17.12
N THR B 98 -5.91 22.70 -16.81
CA THR B 98 -6.34 22.64 -15.43
C THR B 98 -7.33 21.49 -15.17
N ASP B 99 -7.86 21.42 -13.95
CA ASP B 99 -8.82 20.37 -13.57
C ASP B 99 -10.09 20.93 -12.97
N LEU B 100 -11.22 20.30 -13.29
CA LEU B 100 -12.52 20.72 -12.79
C LEU B 100 -12.51 21.14 -11.34
N HIS B 101 -11.74 20.46 -10.51
CA HIS B 101 -11.70 20.88 -9.12
C HIS B 101 -11.35 22.34 -9.11
N ARG B 102 -10.17 22.68 -9.64
CA ARG B 102 -9.69 24.07 -9.68
C ARG B 102 -10.55 25.05 -10.49
N VAL B 103 -11.38 24.56 -11.40
CA VAL B 103 -12.27 25.44 -12.14
C VAL B 103 -13.41 25.84 -11.20
N ILE B 104 -14.13 24.85 -10.68
CA ILE B 104 -15.22 25.10 -9.73
C ILE B 104 -14.62 26.02 -8.69
N SER B 105 -13.51 25.56 -8.12
CA SER B 105 -12.74 26.24 -7.07
C SER B 105 -12.45 27.71 -7.33
N THR B 106 -12.46 28.12 -8.59
CA THR B 106 -12.14 29.51 -8.88
C THR B 106 -13.05 30.21 -9.89
N GLN B 107 -14.33 29.84 -9.91
CA GLN B 107 -15.31 30.50 -10.79
C GLN B 107 -16.72 29.95 -10.86
N MET B 108 -17.65 30.86 -11.16
CA MET B 108 -19.05 30.51 -11.30
C MET B 108 -19.18 29.97 -12.72
N LEU B 109 -19.83 28.83 -12.87
CA LEU B 109 -19.99 28.23 -14.19
C LEU B 109 -21.46 28.22 -14.57
N SER B 110 -21.77 28.65 -15.78
CA SER B 110 -23.15 28.67 -16.24
C SER B 110 -23.76 27.28 -16.19
N ASP B 111 -25.08 27.21 -16.05
CA ASP B 111 -25.74 25.93 -16.02
C ASP B 111 -25.32 25.22 -17.30
N ASP B 112 -24.93 26.00 -18.30
CA ASP B 112 -24.50 25.42 -19.56
C ASP B 112 -23.21 24.65 -19.32
N HIS B 113 -22.20 25.35 -18.78
CA HIS B 113 -20.90 24.77 -18.44
C HIS B 113 -21.03 23.49 -17.62
N ILE B 114 -21.97 23.51 -16.68
CA ILE B 114 -22.27 22.38 -15.79
C ILE B 114 -22.69 21.13 -16.58
N GLN B 115 -23.58 21.33 -17.54
CA GLN B 115 -24.06 20.23 -18.34
C GLN B 115 -22.96 19.75 -19.28
N TYR B 116 -22.14 20.68 -19.73
CA TYR B 116 -21.07 20.31 -20.64
C TYR B 116 -20.15 19.34 -19.93
N PHE B 117 -19.58 19.80 -18.83
CA PHE B 117 -18.68 18.96 -18.06
C PHE B 117 -19.35 17.70 -17.55
N ILE B 118 -20.60 17.82 -17.07
CA ILE B 118 -21.30 16.66 -16.55
C ILE B 118 -21.64 15.62 -17.64
N TYR B 119 -21.74 16.08 -18.88
CA TYR B 119 -22.05 15.21 -20.00
C TYR B 119 -20.82 14.46 -20.38
N GLN B 120 -19.73 15.21 -20.54
CA GLN B 120 -18.44 14.62 -20.91
C GLN B 120 -18.05 13.54 -19.90
N THR B 121 -18.17 13.87 -18.62
CA THR B 121 -17.81 12.95 -17.56
C THR B 121 -18.54 11.64 -17.69
N LEU B 122 -19.86 11.68 -17.74
CA LEU B 122 -20.66 10.45 -17.87
C LEU B 122 -20.41 9.77 -19.20
N ARG B 123 -19.86 10.54 -20.12
CA ARG B 123 -19.55 10.03 -21.46
C ARG B 123 -18.43 9.01 -21.25
N ALA B 124 -17.35 9.47 -20.63
CA ALA B 124 -16.24 8.58 -20.34
C ALA B 124 -16.73 7.37 -19.50
N VAL B 125 -17.24 7.62 -18.30
CA VAL B 125 -17.72 6.54 -17.44
C VAL B 125 -18.46 5.45 -18.25
N LYS B 126 -19.25 5.87 -19.24
CA LYS B 126 -20.00 4.94 -20.07
C LYS B 126 -19.11 3.96 -20.85
N VAL B 127 -18.07 4.48 -21.51
CA VAL B 127 -17.19 3.58 -22.27
C VAL B 127 -16.50 2.58 -21.33
N LEU B 128 -15.99 3.07 -20.19
CA LEU B 128 -15.32 2.25 -19.20
C LEU B 128 -16.32 1.22 -18.65
N HIS B 129 -17.50 1.68 -18.26
CA HIS B 129 -18.48 0.73 -17.76
C HIS B 129 -18.85 -0.29 -18.84
N GLY B 130 -18.79 0.13 -20.10
CA GLY B 130 -19.13 -0.76 -21.19
C GLY B 130 -17.98 -1.72 -21.44
N SER B 131 -16.79 -1.33 -21.01
CA SER B 131 -15.61 -2.17 -21.17
C SER B 131 -15.32 -2.94 -19.90
N ASN B 132 -16.27 -2.96 -18.96
CA ASN B 132 -16.11 -3.67 -17.69
C ASN B 132 -15.06 -3.05 -16.78
N VAL B 133 -14.82 -1.76 -16.97
CA VAL B 133 -13.84 -1.08 -16.18
C VAL B 133 -14.46 -0.04 -15.28
N ILE B 134 -14.17 -0.13 -14.00
CA ILE B 134 -14.69 0.85 -13.06
C ILE B 134 -13.50 1.64 -12.54
N HIS B 135 -13.68 2.95 -12.48
CA HIS B 135 -12.64 3.88 -12.04
C HIS B 135 -12.46 3.80 -10.53
N ARG B 136 -13.58 3.81 -9.82
CA ARG B 136 -13.58 3.69 -8.38
C ARG B 136 -12.95 4.84 -7.63
N ASP B 137 -12.62 5.92 -8.32
CA ASP B 137 -12.06 7.01 -7.57
C ASP B 137 -12.32 8.38 -8.19
N LEU B 138 -13.45 8.49 -8.86
CA LEU B 138 -13.78 9.74 -9.51
C LEU B 138 -14.02 10.90 -8.55
N LYS B 139 -13.55 12.07 -8.96
CA LYS B 139 -13.74 13.28 -8.19
C LYS B 139 -13.26 14.42 -9.09
N PRO B 140 -13.62 15.66 -8.72
CA PRO B 140 -13.25 16.85 -9.48
C PRO B 140 -11.81 16.93 -9.96
N SER B 141 -10.84 16.59 -9.11
CA SER B 141 -9.45 16.69 -9.54
C SER B 141 -8.92 15.58 -10.47
N ASN B 142 -9.75 14.57 -10.76
CA ASN B 142 -9.33 13.48 -11.65
C ASN B 142 -9.99 13.77 -13.01
N LEU B 143 -10.64 14.92 -13.07
CA LEU B 143 -11.29 15.36 -14.29
C LEU B 143 -10.43 16.49 -14.83
N LEU B 144 -9.58 16.16 -15.78
CA LEU B 144 -8.72 17.18 -16.35
C LEU B 144 -9.42 17.91 -17.49
N ILE B 145 -9.16 19.21 -17.57
CA ILE B 145 -9.78 20.03 -18.61
C ILE B 145 -8.75 20.86 -19.36
N ASN B 146 -8.93 20.96 -20.68
CA ASN B 146 -8.03 21.76 -21.52
C ASN B 146 -8.67 23.08 -21.96
N SER B 147 -8.03 23.79 -22.87
CA SER B 147 -8.58 25.06 -23.33
C SER B 147 -10.02 24.97 -23.84
N ASN B 148 -10.23 24.52 -25.07
CA ASN B 148 -11.59 24.42 -25.59
C ASN B 148 -12.44 23.45 -24.75
N CYS B 149 -12.42 23.73 -23.45
CA CYS B 149 -13.14 22.97 -22.42
C CYS B 149 -13.42 21.47 -22.64
N ASP B 150 -12.36 20.72 -22.93
CA ASP B 150 -12.46 19.27 -23.12
C ASP B 150 -12.23 18.57 -21.78
N LEU B 151 -13.16 17.72 -21.38
CA LEU B 151 -13.01 17.01 -20.11
C LEU B 151 -12.52 15.60 -20.37
N LYS B 152 -11.38 15.26 -19.77
CA LYS B 152 -10.79 13.92 -19.89
C LYS B 152 -10.39 13.33 -18.53
N VAL B 153 -10.89 12.13 -18.26
CA VAL B 153 -10.63 11.47 -16.98
C VAL B 153 -9.31 10.76 -16.91
N CYS B 154 -8.65 10.86 -15.77
CA CYS B 154 -7.39 10.15 -15.57
C CYS B 154 -7.28 9.60 -14.14
N ASP B 155 -6.10 9.15 -13.78
CA ASP B 155 -5.87 8.57 -12.46
C ASP B 155 -6.69 7.32 -12.19
N PHE B 156 -6.33 6.25 -12.89
CA PHE B 156 -6.97 4.95 -12.74
C PHE B 156 -6.25 4.03 -11.74
N GLY B 157 -5.54 4.63 -10.79
CA GLY B 157 -4.83 3.86 -9.79
C GLY B 157 -5.71 2.99 -8.88
N LEU B 158 -7.02 3.17 -8.86
CA LEU B 158 -7.83 2.31 -8.02
C LEU B 158 -8.83 1.58 -8.87
N ALA B 159 -8.58 1.51 -10.17
CA ALA B 159 -9.52 0.85 -11.04
C ALA B 159 -9.39 -0.64 -10.97
N ARG B 160 -10.47 -1.29 -11.36
CA ARG B 160 -10.54 -2.74 -11.37
C ARG B 160 -11.42 -3.17 -12.54
N ILE B 161 -11.22 -4.41 -12.98
CA ILE B 161 -11.98 -5.02 -14.06
C ILE B 161 -13.07 -5.86 -13.40
N ILE B 162 -14.31 -5.73 -13.87
CA ILE B 162 -15.41 -6.48 -13.27
C ILE B 162 -15.80 -7.69 -14.11
N ASP B 163 -16.20 -8.78 -13.45
CA ASP B 163 -16.64 -10.00 -14.13
C ASP B 163 -18.17 -10.03 -14.28
N VAL B 180 -8.44 -3.02 3.26
CA VAL B 180 -8.48 -3.03 1.78
C VAL B 180 -7.54 -1.99 1.21
N GLU B 181 -8.09 -0.89 0.68
CA GLU B 181 -7.29 0.15 0.03
C GLU B 181 -7.15 1.49 0.74
N PHE B 182 -6.43 2.39 0.10
CA PHE B 182 -6.19 3.74 0.61
C PHE B 182 -6.76 4.75 -0.36
N VAL B 183 -7.30 5.86 0.15
CA VAL B 183 -7.86 6.91 -0.69
C VAL B 183 -7.52 8.25 -0.06
N ALA B 184 -7.47 9.32 -0.84
CA ALA B 184 -7.18 10.61 -0.24
C ALA B 184 -8.39 11.06 0.58
N THR B 185 -9.60 10.76 0.11
CA THR B 185 -10.85 11.11 0.80
C THR B 185 -11.97 10.22 0.34
N ARG B 186 -13.05 10.23 1.10
CA ARG B 186 -14.22 9.45 0.75
C ARG B 186 -15.41 10.36 0.54
N TRP B 187 -15.09 11.62 0.26
CA TRP B 187 -16.09 12.63 0.01
C TRP B 187 -16.93 12.28 -1.20
N TYR B 188 -16.42 11.37 -2.01
CA TYR B 188 -17.09 10.95 -3.25
C TYR B 188 -17.44 9.46 -3.27
N ARG B 189 -17.14 8.78 -2.17
CA ARG B 189 -17.43 7.36 -2.06
C ARG B 189 -18.89 7.13 -1.72
N ALA B 190 -19.49 6.17 -2.41
CA ALA B 190 -20.89 5.84 -2.19
C ALA B 190 -21.10 5.16 -0.85
N PRO B 191 -22.20 5.50 -0.18
CA PRO B 191 -22.50 4.91 1.12
C PRO B 191 -22.43 3.39 1.14
N GLU B 192 -22.96 2.72 0.12
CA GLU B 192 -22.93 1.27 0.14
C GLU B 192 -21.50 0.73 0.09
N VAL B 193 -20.63 1.34 -0.70
CA VAL B 193 -19.25 0.87 -0.72
C VAL B 193 -18.63 0.96 0.67
N MET B 194 -18.86 2.05 1.38
CA MET B 194 -18.31 2.24 2.71
C MET B 194 -18.82 1.23 3.73
N LEU B 195 -20.12 0.95 3.71
CA LEU B 195 -20.74 0.02 4.67
C LEU B 195 -20.47 -1.45 4.33
N THR B 196 -20.89 -1.82 3.13
CA THR B 196 -20.77 -3.17 2.59
C THR B 196 -19.35 -3.51 2.08
N SER B 197 -19.24 -4.51 1.21
CA SER B 197 -17.98 -4.94 0.62
C SER B 197 -18.10 -4.90 -0.92
N ALA B 198 -19.26 -4.41 -1.37
CA ALA B 198 -19.56 -4.22 -2.78
C ALA B 198 -18.79 -2.93 -3.15
N LYS B 199 -17.47 -3.04 -3.14
CA LYS B 199 -16.61 -1.93 -3.43
C LYS B 199 -16.17 -1.98 -4.88
N TYR B 200 -16.96 -2.66 -5.73
CA TYR B 200 -16.57 -2.81 -7.13
C TYR B 200 -17.69 -2.69 -8.18
N SER B 201 -18.79 -2.08 -7.80
CA SER B 201 -19.94 -1.88 -8.68
C SER B 201 -19.69 -0.76 -9.67
N ARG B 202 -20.45 -0.69 -10.77
CA ARG B 202 -20.28 0.41 -11.72
C ARG B 202 -20.87 1.61 -10.97
N ALA B 203 -21.90 1.31 -10.19
CA ALA B 203 -22.66 2.27 -9.40
C ALA B 203 -21.89 3.26 -8.57
N MET B 204 -20.79 2.83 -7.98
CA MET B 204 -20.03 3.72 -7.13
C MET B 204 -19.52 4.88 -7.93
N ASP B 205 -19.35 4.66 -9.23
CA ASP B 205 -18.86 5.73 -10.07
C ASP B 205 -19.95 6.77 -10.35
N VAL B 206 -21.21 6.33 -10.36
CA VAL B 206 -22.32 7.24 -10.63
C VAL B 206 -22.54 8.12 -9.40
N TRP B 207 -22.36 7.50 -8.22
CA TRP B 207 -22.52 8.23 -6.98
C TRP B 207 -21.48 9.33 -6.98
N SER B 208 -20.23 8.96 -7.28
CA SER B 208 -19.12 9.92 -7.29
C SER B 208 -19.53 11.04 -8.21
N CYS B 209 -20.09 10.65 -9.36
CA CYS B 209 -20.53 11.57 -10.38
C CYS B 209 -21.49 12.58 -9.82
N GLY B 210 -22.52 12.05 -9.12
CA GLY B 210 -23.52 12.91 -8.50
C GLY B 210 -22.89 13.88 -7.53
N CYS B 211 -21.73 13.55 -6.99
CA CYS B 211 -21.09 14.44 -6.06
C CYS B 211 -20.39 15.53 -6.83
N ILE B 212 -19.94 15.20 -8.03
CA ILE B 212 -19.29 16.20 -8.87
C ILE B 212 -20.40 17.17 -9.24
N LEU B 213 -21.50 16.60 -9.76
CA LEU B 213 -22.65 17.40 -10.17
C LEU B 213 -23.09 18.31 -9.01
N ALA B 214 -23.44 17.69 -7.89
CA ALA B 214 -23.85 18.44 -6.69
C ALA B 214 -22.87 19.57 -6.49
N GLU B 215 -21.57 19.25 -6.56
CA GLU B 215 -20.52 20.23 -6.36
C GLU B 215 -20.49 21.32 -7.39
N LEU B 216 -20.88 21.01 -8.62
CA LEU B 216 -20.89 22.03 -9.65
C LEU B 216 -21.94 23.09 -9.28
N PHE B 217 -23.10 22.65 -8.78
CA PHE B 217 -24.14 23.59 -8.38
C PHE B 217 -23.71 24.35 -7.11
N LEU B 218 -23.39 23.59 -6.07
CA LEU B 218 -22.98 24.14 -4.80
C LEU B 218 -21.67 24.91 -4.81
N ARG B 219 -20.77 24.56 -5.71
CA ARG B 219 -19.46 25.20 -5.78
C ARG B 219 -18.58 24.82 -4.57
N ARG B 220 -18.91 23.69 -3.95
CA ARG B 220 -18.15 23.19 -2.80
C ARG B 220 -18.58 21.74 -2.61
N PRO B 221 -17.77 20.94 -1.88
CA PRO B 221 -18.06 19.52 -1.63
C PRO B 221 -19.40 19.41 -0.90
N ILE B 222 -20.27 18.55 -1.40
CA ILE B 222 -21.56 18.39 -0.74
C ILE B 222 -21.51 17.51 0.49
N PHE B 223 -20.58 16.55 0.54
CA PHE B 223 -20.44 15.64 1.69
C PHE B 223 -19.01 15.62 2.26
N PRO B 224 -18.52 16.78 2.71
CA PRO B 224 -17.18 16.82 3.25
C PRO B 224 -17.02 16.19 4.63
N GLY B 225 -17.25 14.89 4.73
CA GLY B 225 -17.14 14.22 6.02
C GLY B 225 -15.81 14.34 6.74
N ARG B 226 -15.84 14.42 8.07
CA ARG B 226 -14.60 14.53 8.86
C ARG B 226 -14.10 13.15 9.22
N ASP B 227 -14.93 12.13 9.03
CA ASP B 227 -14.55 10.74 9.32
C ASP B 227 -15.61 9.71 8.92
N TYR B 228 -15.25 8.44 8.97
CA TYR B 228 -16.17 7.39 8.55
C TYR B 228 -17.64 7.64 8.95
N ARG B 229 -17.93 7.58 10.23
CA ARG B 229 -19.29 7.80 10.69
C ARG B 229 -19.84 9.14 10.20
N HIS B 230 -19.10 10.20 10.46
CA HIS B 230 -19.52 11.54 10.08
C HIS B 230 -19.95 11.66 8.61
N GLN B 231 -19.21 10.98 7.72
CA GLN B 231 -19.49 10.97 6.28
C GLN B 231 -20.87 10.37 6.07
N LEU B 232 -21.11 9.23 6.71
CA LEU B 232 -22.41 8.57 6.57
C LEU B 232 -23.47 9.49 7.17
N LEU B 233 -23.14 10.14 8.29
CA LEU B 233 -24.10 11.03 8.93
C LEU B 233 -24.46 12.17 7.99
N LEU B 234 -23.49 12.66 7.23
CA LEU B 234 -23.77 13.77 6.31
C LEU B 234 -24.57 13.31 5.09
N ILE B 235 -24.16 12.22 4.46
CA ILE B 235 -24.87 11.68 3.29
C ILE B 235 -26.35 11.41 3.61
N PHE B 236 -26.61 10.67 4.69
CA PHE B 236 -27.97 10.34 5.10
C PHE B 236 -28.69 11.62 5.52
N GLY B 237 -27.91 12.62 5.87
CA GLY B 237 -28.48 13.89 6.27
C GLY B 237 -29.22 14.53 5.12
N ILE B 238 -28.80 14.25 3.91
CA ILE B 238 -29.47 14.82 2.75
C ILE B 238 -30.37 13.79 2.06
N ILE B 239 -29.90 12.57 1.86
CA ILE B 239 -30.70 11.58 1.13
C ILE B 239 -31.72 10.81 1.98
N GLY B 240 -31.59 10.90 3.29
CA GLY B 240 -32.51 10.16 4.14
C GLY B 240 -31.81 8.91 4.60
N THR B 241 -31.98 8.61 5.86
CA THR B 241 -31.36 7.44 6.42
C THR B 241 -32.17 6.23 5.99
N PRO B 242 -31.50 5.18 5.51
CA PRO B 242 -32.36 4.07 5.13
C PRO B 242 -32.75 3.30 6.40
N HIS B 243 -34.03 2.91 6.49
CA HIS B 243 -34.51 2.19 7.66
C HIS B 243 -35.37 0.96 7.29
N SER B 244 -36.06 1.04 6.16
CA SER B 244 -36.95 -0.04 5.70
C SER B 244 -36.24 -1.20 5.01
N ASP B 245 -36.89 -2.37 5.07
CA ASP B 245 -36.38 -3.59 4.46
C ASP B 245 -36.03 -3.40 3.00
N ASN B 246 -36.87 -2.66 2.28
CA ASN B 246 -36.58 -2.45 0.88
C ASN B 246 -35.44 -1.44 0.77
N ASP B 247 -35.29 -0.59 1.79
CA ASP B 247 -34.18 0.36 1.81
C ASP B 247 -32.96 -0.53 1.93
N LEU B 248 -32.90 -1.29 3.02
CA LEU B 248 -31.79 -2.19 3.27
C LEU B 248 -31.91 -3.49 2.46
N ARG B 249 -32.52 -3.41 1.28
CA ARG B 249 -32.69 -4.58 0.43
C ARG B 249 -31.32 -5.05 -0.07
N CYS B 250 -30.55 -4.13 -0.64
CA CYS B 250 -29.23 -4.45 -1.20
C CYS B 250 -28.08 -4.56 -0.19
N ILE B 251 -28.39 -4.47 1.10
CA ILE B 251 -27.37 -4.57 2.16
C ILE B 251 -27.48 -5.94 2.85
N GLU B 252 -26.77 -6.92 2.31
CA GLU B 252 -26.82 -8.26 2.86
C GLU B 252 -26.18 -8.43 4.24
N SER B 253 -25.37 -7.50 4.72
CA SER B 253 -24.74 -7.72 6.03
C SER B 253 -25.49 -7.32 7.31
N PRO B 254 -25.67 -8.32 8.21
CA PRO B 254 -26.35 -8.18 9.49
C PRO B 254 -25.65 -7.09 10.27
N ARG B 255 -24.33 -7.23 10.38
CA ARG B 255 -23.52 -6.25 11.09
C ARG B 255 -23.77 -4.87 10.49
N ALA B 256 -23.77 -4.81 9.16
CA ALA B 256 -23.99 -3.58 8.42
C ALA B 256 -25.37 -2.99 8.64
N ARG B 257 -26.39 -3.84 8.72
CA ARG B 257 -27.73 -3.34 8.91
C ARG B 257 -27.85 -2.74 10.27
N GLU B 258 -27.26 -3.40 11.27
CA GLU B 258 -27.29 -2.93 12.65
C GLU B 258 -26.70 -1.55 12.66
N TYR B 259 -25.56 -1.42 12.00
CA TYR B 259 -24.87 -0.16 11.91
C TYR B 259 -25.81 0.98 11.43
N ILE B 260 -26.38 0.83 10.25
CA ILE B 260 -27.31 1.85 9.72
C ILE B 260 -28.38 2.16 10.78
N LYS B 261 -29.09 1.12 11.21
CA LYS B 261 -30.14 1.21 12.21
C LYS B 261 -29.67 1.89 13.52
N SER B 262 -28.35 1.94 13.72
CA SER B 262 -27.78 2.55 14.93
C SER B 262 -27.39 4.02 14.82
N LEU B 263 -27.55 4.59 13.64
CA LEU B 263 -27.21 5.98 13.40
C LEU B 263 -28.42 6.88 13.52
N PRO B 264 -28.20 8.20 13.64
CA PRO B 264 -29.36 9.07 13.73
C PRO B 264 -30.17 8.81 12.45
N MET B 265 -31.49 8.71 12.59
CA MET B 265 -32.35 8.44 11.46
C MET B 265 -33.12 9.68 11.04
N TYR B 266 -32.58 10.37 10.04
CA TYR B 266 -33.22 11.58 9.54
C TYR B 266 -33.90 11.30 8.20
N PRO B 267 -35.01 11.97 7.92
CA PRO B 267 -35.71 11.75 6.67
C PRO B 267 -35.07 12.60 5.58
N ALA B 268 -35.08 12.09 4.35
CA ALA B 268 -34.51 12.80 3.21
C ALA B 268 -34.84 14.29 3.17
N ALA B 269 -33.94 15.09 2.62
CA ALA B 269 -34.16 16.51 2.48
C ALA B 269 -34.56 16.76 1.03
N PRO B 270 -35.46 17.73 0.80
CA PRO B 270 -35.93 18.09 -0.53
C PRO B 270 -34.88 18.93 -1.25
N LEU B 271 -34.22 18.33 -2.24
CA LEU B 271 -33.18 19.04 -2.97
C LEU B 271 -33.64 20.40 -3.44
N GLU B 272 -34.77 20.47 -4.13
CA GLU B 272 -35.30 21.73 -4.63
C GLU B 272 -35.06 22.93 -3.70
N LYS B 273 -35.23 22.74 -2.39
CA LYS B 273 -35.05 23.84 -1.44
C LYS B 273 -33.62 23.97 -0.93
N MET B 274 -32.68 23.32 -1.60
CA MET B 274 -31.25 23.33 -1.24
C MET B 274 -30.38 23.82 -2.41
N PHE B 275 -30.90 23.61 -3.62
CA PHE B 275 -30.29 23.99 -4.89
C PHE B 275 -31.39 24.78 -5.59
N PRO B 276 -31.87 25.86 -4.96
CA PRO B 276 -32.93 26.66 -5.56
C PRO B 276 -32.59 27.39 -6.86
N ARG B 277 -31.43 28.03 -6.90
CA ARG B 277 -31.00 28.77 -8.08
C ARG B 277 -30.39 27.77 -9.05
N VAL B 278 -31.01 26.60 -9.13
CA VAL B 278 -30.56 25.49 -9.99
C VAL B 278 -31.63 24.91 -10.90
N ASN B 279 -31.23 24.68 -12.16
CA ASN B 279 -32.07 24.12 -13.21
C ASN B 279 -32.90 22.90 -12.76
N PRO B 280 -34.22 23.06 -12.65
CA PRO B 280 -35.10 21.96 -12.23
C PRO B 280 -34.83 20.61 -12.89
N LYS B 281 -34.14 20.61 -14.03
CA LYS B 281 -33.84 19.37 -14.73
C LYS B 281 -32.53 18.76 -14.19
N GLY B 282 -31.71 19.61 -13.58
CA GLY B 282 -30.47 19.14 -12.99
C GLY B 282 -30.72 18.46 -11.66
N ILE B 283 -31.58 19.09 -10.85
CA ILE B 283 -31.91 18.54 -9.56
C ILE B 283 -32.40 17.13 -9.81
N ASP B 284 -33.41 16.98 -10.66
CA ASP B 284 -33.95 15.65 -10.93
C ASP B 284 -32.87 14.65 -11.25
N LEU B 285 -31.87 15.08 -12.02
CA LEU B 285 -30.78 14.17 -12.34
C LEU B 285 -29.96 13.89 -11.07
N LEU B 286 -29.71 14.94 -10.28
CA LEU B 286 -28.95 14.80 -9.05
C LEU B 286 -29.64 13.72 -8.21
N GLN B 287 -30.93 13.90 -7.97
CA GLN B 287 -31.67 12.91 -7.19
C GLN B 287 -31.60 11.49 -7.77
N ARG B 288 -31.51 11.37 -9.09
CA ARG B 288 -31.42 10.05 -9.67
C ARG B 288 -30.06 9.36 -9.45
N MET B 289 -29.00 10.17 -9.28
CA MET B 289 -27.65 9.64 -9.05
C MET B 289 -27.32 9.39 -7.59
N LEU B 290 -27.60 10.37 -6.73
CA LEU B 290 -27.32 10.27 -5.31
C LEU B 290 -28.39 9.49 -4.53
N VAL B 291 -28.56 8.22 -4.89
CA VAL B 291 -29.55 7.36 -4.26
C VAL B 291 -28.87 6.24 -3.47
N PHE B 292 -29.39 5.92 -2.30
CA PHE B 292 -28.74 4.88 -1.54
C PHE B 292 -28.69 3.57 -2.28
N ASP B 293 -29.84 3.10 -2.76
CA ASP B 293 -29.83 1.81 -3.44
C ASP B 293 -29.14 1.86 -4.79
N PRO B 294 -27.98 1.21 -4.90
CA PRO B 294 -27.18 1.17 -6.12
C PRO B 294 -27.93 0.55 -7.31
N ALA B 295 -28.93 -0.27 -6.99
CA ALA B 295 -29.76 -0.92 -8.00
C ALA B 295 -30.67 0.15 -8.61
N LYS B 296 -31.28 0.97 -7.75
CA LYS B 296 -32.14 2.03 -8.23
C LYS B 296 -31.29 3.10 -8.90
N ARG B 297 -30.08 3.33 -8.39
CA ARG B 297 -29.24 4.37 -8.93
C ARG B 297 -29.22 4.33 -10.45
N ILE B 298 -29.28 5.52 -11.04
CA ILE B 298 -29.27 5.69 -12.49
C ILE B 298 -27.89 5.30 -13.03
N THR B 299 -27.80 4.86 -14.29
CA THR B 299 -26.52 4.46 -14.87
C THR B 299 -25.87 5.52 -15.74
N ALA B 300 -24.62 5.29 -16.13
CA ALA B 300 -23.91 6.25 -16.96
C ALA B 300 -24.65 6.46 -18.27
N LYS B 301 -25.15 5.38 -18.85
CA LYS B 301 -25.88 5.52 -20.12
C LYS B 301 -27.20 6.29 -19.88
N GLU B 302 -28.02 5.82 -18.92
CA GLU B 302 -29.28 6.49 -18.62
C GLU B 302 -29.11 7.96 -18.27
N ALA B 303 -27.94 8.33 -17.79
CA ALA B 303 -27.71 9.71 -17.41
C ALA B 303 -27.51 10.59 -18.64
N LEU B 304 -26.88 10.03 -19.66
CA LEU B 304 -26.65 10.80 -20.89
C LEU B 304 -27.99 11.13 -21.53
N GLU B 305 -28.86 10.13 -21.57
CA GLU B 305 -30.19 10.27 -22.14
C GLU B 305 -30.98 11.32 -21.33
N HIS B 306 -31.37 10.99 -20.10
CA HIS B 306 -32.11 11.90 -19.24
C HIS B 306 -32.09 13.38 -19.66
N PRO B 307 -33.27 14.02 -19.64
CA PRO B 307 -33.57 15.41 -20.00
C PRO B 307 -32.46 16.44 -19.83
N TYR B 308 -32.00 16.66 -18.60
CA TYR B 308 -30.96 17.65 -18.37
C TYR B 308 -29.83 17.55 -19.39
N LEU B 309 -29.69 16.37 -20.01
CA LEU B 309 -28.63 16.16 -20.98
C LEU B 309 -29.04 15.69 -22.38
N GLN B 310 -30.03 16.36 -22.97
CA GLN B 310 -30.48 16.03 -24.32
C GLN B 310 -29.79 17.01 -25.31
N THR B 311 -29.38 18.16 -24.76
CA THR B 311 -28.68 19.22 -25.50
C THR B 311 -27.32 18.78 -26.04
N TYR B 312 -26.76 17.72 -25.47
CA TYR B 312 -25.47 17.17 -25.87
C TYR B 312 -25.60 15.69 -26.12
N HIS B 313 -26.69 15.09 -25.62
CA HIS B 313 -26.94 13.68 -25.84
C HIS B 313 -26.80 13.44 -27.35
N ASP B 314 -26.65 12.18 -27.74
CA ASP B 314 -26.47 11.84 -29.15
C ASP B 314 -26.19 10.34 -29.16
N PRO B 315 -27.24 9.51 -29.14
CA PRO B 315 -27.02 8.06 -29.14
C PRO B 315 -26.10 7.49 -30.23
N ASN B 316 -25.24 8.36 -30.77
CA ASN B 316 -24.26 7.99 -31.79
C ASN B 316 -22.88 8.24 -31.21
N ASP B 317 -22.56 9.52 -31.04
CA ASP B 317 -21.29 9.94 -30.51
C ASP B 317 -21.16 9.59 -29.02
N GLU B 318 -21.22 8.29 -28.71
CA GLU B 318 -21.13 7.80 -27.32
C GLU B 318 -20.79 6.33 -27.32
N PRO B 319 -19.50 6.01 -27.35
CA PRO B 319 -19.03 4.63 -27.35
C PRO B 319 -19.51 3.83 -26.14
N GLU B 320 -19.93 2.60 -26.38
CA GLU B 320 -20.41 1.72 -25.32
C GLU B 320 -19.31 0.73 -24.95
N GLY B 321 -18.09 1.04 -25.41
CA GLY B 321 -16.92 0.22 -25.16
C GLY B 321 -17.01 -1.25 -25.56
N GLU B 322 -16.13 -2.07 -25.00
CA GLU B 322 -16.12 -3.52 -25.26
C GLU B 322 -15.43 -4.23 -24.11
N PRO B 323 -16.11 -5.20 -23.48
CA PRO B 323 -15.59 -5.96 -22.35
C PRO B 323 -14.11 -6.31 -22.41
N ILE B 324 -13.42 -6.06 -21.29
CA ILE B 324 -12.02 -6.38 -21.16
C ILE B 324 -12.01 -7.59 -20.24
N PRO B 325 -11.08 -8.54 -20.46
CA PRO B 325 -10.95 -9.75 -19.67
C PRO B 325 -10.21 -9.49 -18.36
N PRO B 326 -10.69 -10.08 -17.26
CA PRO B 326 -10.06 -9.91 -15.94
C PRO B 326 -8.52 -9.97 -15.98
N SER B 327 -7.98 -10.83 -16.84
CA SER B 327 -6.53 -10.98 -16.95
C SER B 327 -5.80 -9.67 -17.29
N PHE B 328 -6.56 -8.68 -17.75
CA PHE B 328 -5.95 -7.41 -18.09
C PHE B 328 -5.27 -6.95 -16.81
N PHE B 329 -5.84 -7.34 -15.66
CA PHE B 329 -5.29 -7.00 -14.36
C PHE B 329 -4.98 -8.27 -13.55
N GLU B 330 -4.40 -9.26 -14.23
CA GLU B 330 -4.07 -10.55 -13.63
C GLU B 330 -3.56 -10.42 -12.20
N PHE B 331 -2.67 -9.45 -11.96
CA PHE B 331 -2.10 -9.30 -10.64
C PHE B 331 -3.13 -9.12 -9.50
N ASP B 332 -4.32 -8.63 -9.81
CA ASP B 332 -5.32 -8.46 -8.79
C ASP B 332 -5.92 -9.82 -8.44
N HIS B 333 -5.33 -10.88 -8.97
CA HIS B 333 -5.84 -12.22 -8.75
C HIS B 333 -4.81 -13.19 -8.22
N TYR B 334 -3.68 -12.65 -7.77
CA TYR B 334 -2.65 -13.49 -7.19
C TYR B 334 -2.48 -12.93 -5.80
N LYS B 335 -2.51 -13.81 -4.81
CA LYS B 335 -2.36 -13.33 -3.45
C LYS B 335 -0.93 -13.45 -2.94
N GLU B 336 0.00 -13.74 -3.84
CA GLU B 336 1.42 -13.82 -3.47
C GLU B 336 1.79 -12.41 -3.11
N ALA B 337 2.93 -12.23 -2.48
CA ALA B 337 3.38 -10.89 -2.17
C ALA B 337 4.27 -10.48 -3.35
N LEU B 338 4.25 -9.21 -3.72
CA LEU B 338 5.10 -8.73 -4.80
C LEU B 338 6.43 -8.16 -4.29
N THR B 339 7.48 -8.20 -5.11
CA THR B 339 8.76 -7.65 -4.69
C THR B 339 9.04 -6.42 -5.52
N THR B 340 10.16 -5.75 -5.22
CA THR B 340 10.50 -4.56 -5.97
C THR B 340 10.68 -4.99 -7.43
N LYS B 341 11.48 -6.05 -7.62
CA LYS B 341 11.71 -6.61 -8.93
C LYS B 341 10.39 -7.02 -9.59
N ASP B 342 9.46 -7.58 -8.84
CA ASP B 342 8.22 -7.97 -9.47
C ASP B 342 7.58 -6.77 -10.12
N LEU B 343 7.61 -5.67 -9.38
CA LEU B 343 7.00 -4.43 -9.83
C LEU B 343 7.71 -3.81 -11.01
N LYS B 344 9.04 -3.75 -10.95
CA LYS B 344 9.81 -3.22 -12.06
C LYS B 344 9.50 -4.08 -13.28
N LYS B 345 9.37 -5.38 -13.07
CA LYS B 345 9.08 -6.28 -14.17
C LYS B 345 7.68 -6.07 -14.75
N LEU B 346 6.69 -5.73 -13.94
CA LEU B 346 5.35 -5.54 -14.51
C LEU B 346 5.35 -4.35 -15.45
N ILE B 347 5.79 -3.21 -14.96
CA ILE B 347 5.86 -2.00 -15.74
C ILE B 347 6.74 -2.22 -16.98
N TRP B 348 7.92 -2.81 -16.78
CA TRP B 348 8.84 -3.12 -17.88
C TRP B 348 8.13 -3.89 -19.00
N ASN B 349 7.53 -5.02 -18.64
CA ASN B 349 6.83 -5.78 -19.66
C ASN B 349 5.84 -4.85 -20.36
N GLU B 350 4.95 -4.22 -19.61
CA GLU B 350 3.94 -3.33 -20.23
C GLU B 350 4.49 -2.29 -21.20
N ILE B 351 5.73 -1.88 -21.00
CA ILE B 351 6.32 -0.88 -21.87
C ILE B 351 6.83 -1.50 -23.17
N PHE B 352 7.41 -2.68 -23.09
CA PHE B 352 7.95 -3.33 -24.27
C PHE B 352 6.97 -4.24 -24.98
N SER B 353 5.95 -4.67 -24.26
CA SER B 353 4.92 -5.53 -24.83
C SER B 353 3.69 -4.68 -24.92
#